data_3DYD
#
_entry.id   3DYD
#
_cell.length_a   154.420
_cell.length_b   91.590
_cell.length_c   75.570
_cell.angle_alpha   90.00
_cell.angle_beta   106.18
_cell.angle_gamma   90.00
#
_symmetry.space_group_name_H-M   'C 1 2 1'
#
loop_
_entity.id
_entity.type
_entity.pdbx_description
1 polymer 'Tyrosine aminotransferase'
2 non-polymer "PYRIDOXAL-5'-PHOSPHATE"
3 water water
#
_entity_poly.entity_id   1
_entity_poly.type   'polypeptide(L)'
_entity_poly.pdbx_seq_one_letter_code
;MHHHHHHSSGVDLGTENLYFQSMWSVRPSDMAKKTFNPIRAIVDNMKVKPNPNKTMISLSIGDPTVFGNLPTDPEVTQAM
KDALDSGKYNGYAPSIGFLSSREEIASYYHCPEAPLEAKDVILTSGCSQAIDLCLAVLANPGQNILVPRPGFSLYKTLAE
SMGIEVKLYNLLPEKSWEIDLKQLEYLIDEKTACLIVNNPSNPCGSVFSKRHLQKILAVAARQCVPILADEIYGDMVFSD
CKYEPLATLSTDVPILSCGGLAKRWLVPGWRLGWILIHDRRDIFGNEIRDGLVKLSQRILGPCTIVQGALKSILCRTPGE
FYHNTLSFLKSNADLCYGALAAIPGLRPVRPSGAMYLMVGIEMEHFPEFENDVEFTERLVAEQSVHCLPATCFEYPNFIR
VVITVPEVMMLEACSRIQEFCEQHYHC
;
_entity_poly.pdbx_strand_id   A,B
#
loop_
_chem_comp.id
_chem_comp.type
_chem_comp.name
_chem_comp.formula
PLP non-polymer PYRIDOXAL-5'-PHOSPHATE 'C8 H10 N O6 P'
#
# COMPACT_ATOMS: atom_id res chain seq x y z
N TRP A 24 -0.90 -21.30 -25.15
CA TRP A 24 -0.95 -20.50 -23.89
C TRP A 24 0.44 -20.46 -23.24
N SER A 25 1.03 -19.27 -23.17
CA SER A 25 2.34 -19.09 -22.55
C SER A 25 2.28 -18.01 -21.46
N VAL A 26 1.35 -18.19 -20.52
CA VAL A 26 1.18 -17.24 -19.43
C VAL A 26 2.28 -17.45 -18.40
N ARG A 27 3.39 -16.75 -18.60
CA ARG A 27 4.56 -16.85 -17.72
C ARG A 27 4.66 -15.61 -16.83
N PRO A 28 5.20 -15.76 -15.61
CA PRO A 28 5.39 -14.60 -14.74
C PRO A 28 6.45 -13.61 -15.23
N SER A 29 6.32 -12.36 -14.81
CA SER A 29 7.26 -11.30 -15.19
C SER A 29 8.65 -11.51 -14.57
N ASP A 30 9.62 -10.74 -15.05
CA ASP A 30 11.00 -10.83 -14.58
C ASP A 30 11.17 -10.09 -13.25
N LYS A 47 14.77 -28.10 6.71
CA LYS A 47 13.90 -27.66 7.81
C LYS A 47 13.98 -28.62 9.00
N VAL A 48 13.81 -28.07 10.20
CA VAL A 48 14.06 -28.80 11.46
C VAL A 48 12.80 -28.95 12.27
N LYS A 49 12.54 -30.17 12.73
CA LYS A 49 11.47 -30.37 13.71
C LYS A 49 12.00 -29.97 15.09
N PRO A 50 11.20 -29.21 15.86
CA PRO A 50 11.64 -28.94 17.23
C PRO A 50 11.53 -30.16 18.14
N ASN A 51 12.27 -30.14 19.26
CA ASN A 51 12.14 -31.15 20.29
C ASN A 51 10.65 -31.31 20.57
N PRO A 52 10.08 -32.49 20.26
CA PRO A 52 8.63 -32.65 20.44
C PRO A 52 8.18 -32.59 21.91
N ASN A 53 9.12 -32.77 22.84
CA ASN A 53 8.84 -32.66 24.27
C ASN A 53 8.78 -31.24 24.80
N LYS A 54 9.55 -30.33 24.18
CA LYS A 54 9.68 -28.97 24.70
C LYS A 54 8.91 -27.96 23.86
N THR A 55 8.02 -27.22 24.52
CA THR A 55 7.19 -26.22 23.87
C THR A 55 8.10 -25.19 23.21
N MET A 56 7.84 -24.94 21.94
CA MET A 56 8.63 -24.00 21.15
C MET A 56 8.64 -22.61 21.76
N ILE A 57 9.81 -21.99 21.81
N ILE A 57 9.81 -22.00 21.82
CA ILE A 57 9.95 -20.58 22.15
CA ILE A 57 9.95 -20.58 22.16
C ILE A 57 10.62 -19.86 20.99
C ILE A 57 10.62 -19.88 20.98
N SER A 58 9.88 -19.00 20.30
CA SER A 58 10.44 -18.23 19.19
C SER A 58 10.96 -16.88 19.66
N LEU A 59 12.27 -16.66 19.50
CA LEU A 59 12.88 -15.35 19.71
C LEU A 59 13.19 -14.68 18.36
N SER A 60 12.63 -15.21 17.28
N SER A 60 12.62 -15.20 17.28
CA SER A 60 13.00 -14.82 15.92
CA SER A 60 13.01 -14.83 15.92
C SER A 60 11.99 -13.94 15.21
C SER A 60 11.98 -13.97 15.19
N ILE A 61 10.83 -13.74 15.82
CA ILE A 61 9.70 -13.08 15.16
C ILE A 61 9.77 -11.55 15.24
N GLY A 62 9.68 -10.90 14.07
CA GLY A 62 9.81 -9.44 14.00
C GLY A 62 8.65 -8.65 14.59
N ASP A 63 7.52 -9.33 14.79
CA ASP A 63 6.33 -8.70 15.33
C ASP A 63 6.40 -8.65 16.86
N PRO A 64 6.56 -7.45 17.44
CA PRO A 64 6.66 -7.35 18.89
C PRO A 64 5.36 -7.62 19.66
N THR A 65 4.26 -7.79 18.94
CA THR A 65 2.95 -7.95 19.58
C THR A 65 2.48 -9.40 19.67
N VAL A 66 3.23 -10.34 19.08
CA VAL A 66 2.71 -11.70 18.82
C VAL A 66 2.33 -12.48 20.07
N PHE A 67 2.83 -12.09 21.24
CA PHE A 67 2.58 -12.83 22.48
C PHE A 67 1.56 -12.16 23.39
N GLY A 68 1.09 -10.98 23.00
CA GLY A 68 0.01 -10.31 23.76
C GLY A 68 0.46 -9.51 24.98
N ASN A 69 1.76 -9.51 25.25
CA ASN A 69 2.33 -8.78 26.38
C ASN A 69 2.64 -7.31 26.07
N LEU A 70 2.44 -6.88 24.82
CA LEU A 70 2.66 -5.48 24.43
C LEU A 70 1.49 -4.91 23.63
N PRO A 71 0.31 -4.85 24.25
CA PRO A 71 -0.82 -4.22 23.56
C PRO A 71 -0.59 -2.71 23.39
N THR A 72 -1.22 -2.13 22.38
CA THR A 72 -1.14 -0.69 22.24
C THR A 72 -1.98 -0.05 23.34
N ASP A 73 -1.74 1.23 23.59
CA ASP A 73 -2.47 1.98 24.60
C ASP A 73 -3.95 2.08 24.23
N PRO A 74 -4.85 2.08 25.24
CA PRO A 74 -6.28 2.33 25.03
C PRO A 74 -6.60 3.59 24.23
N GLU A 75 -5.81 4.65 24.39
CA GLU A 75 -6.04 5.89 23.66
C GLU A 75 -5.81 5.72 22.17
N VAL A 76 -4.85 4.85 21.81
CA VAL A 76 -4.62 4.53 20.39
C VAL A 76 -5.89 3.88 19.81
N THR A 77 -6.42 2.89 20.51
CA THR A 77 -7.64 2.20 20.15
C THR A 77 -8.84 3.15 20.07
N GLN A 78 -8.99 4.00 21.09
CA GLN A 78 -10.10 4.96 21.13
C GLN A 78 -10.06 5.95 19.96
N ALA A 79 -8.86 6.41 19.61
CA ALA A 79 -8.67 7.36 18.52
C ALA A 79 -9.17 6.83 17.17
N MET A 80 -9.01 5.53 16.96
CA MET A 80 -9.51 4.85 15.77
C MET A 80 -11.03 4.71 15.84
N LYS A 81 -11.54 4.37 17.01
CA LYS A 81 -12.99 4.29 17.24
C LYS A 81 -13.67 5.64 17.03
N ASP A 82 -13.04 6.71 17.51
CA ASP A 82 -13.56 8.07 17.35
C ASP A 82 -13.57 8.49 15.88
N ALA A 83 -12.48 8.16 15.18
CA ALA A 83 -12.37 8.41 13.76
C ALA A 83 -13.49 7.70 13.02
N LEU A 84 -13.79 6.47 13.44
CA LEU A 84 -14.88 5.68 12.88
C LEU A 84 -16.26 6.29 13.15
N ASP A 85 -16.51 6.67 14.41
CA ASP A 85 -17.79 7.30 14.79
C ASP A 85 -18.06 8.60 14.02
N SER A 86 -17.03 9.37 13.73
CA SER A 86 -17.19 10.67 13.05
C SER A 86 -17.81 10.56 11.65
N GLY A 87 -17.53 9.46 10.95
CA GLY A 87 -17.97 9.29 9.56
C GLY A 87 -17.30 10.24 8.57
N LYS A 88 -16.23 10.92 9.00
CA LYS A 88 -15.57 11.93 8.17
C LYS A 88 -14.34 11.41 7.42
N TYR A 89 -13.89 10.18 7.76
CA TYR A 89 -12.65 9.63 7.22
C TYR A 89 -12.86 8.34 6.43
N ASN A 90 -13.89 8.32 5.61
CA ASN A 90 -14.23 7.15 4.82
C ASN A 90 -14.00 7.37 3.33
N GLY A 91 -13.87 8.63 2.93
CA GLY A 91 -13.70 9.00 1.53
C GLY A 91 -12.23 8.96 1.14
N TYR A 92 -11.96 9.25 -0.13
CA TYR A 92 -10.59 9.30 -0.63
C TYR A 92 -9.86 10.47 0.00
N ALA A 93 -8.61 10.24 0.35
CA ALA A 93 -7.70 11.29 0.76
C ALA A 93 -6.75 11.54 -0.40
N PRO A 94 -6.09 12.71 -0.43
CA PRO A 94 -5.03 12.83 -1.43
C PRO A 94 -4.02 11.71 -1.22
N SER A 95 -3.36 11.27 -2.28
CA SER A 95 -2.44 10.14 -2.23
C SER A 95 -1.37 10.27 -1.13
N ILE A 96 -0.94 11.51 -0.87
CA ILE A 96 0.07 11.80 0.15
C ILE A 96 -0.50 11.91 1.57
N GLY A 97 -1.84 11.90 1.68
CA GLY A 97 -2.53 11.91 2.97
C GLY A 97 -3.30 13.20 3.21
N PHE A 98 -4.31 13.16 4.08
CA PHE A 98 -5.07 14.37 4.45
C PHE A 98 -4.12 15.47 4.91
N LEU A 99 -4.44 16.71 4.56
CA LEU A 99 -3.65 17.87 4.99
C LEU A 99 -3.54 17.90 6.51
N SER A 100 -4.67 17.74 7.19
CA SER A 100 -4.71 17.80 8.64
C SER A 100 -3.85 16.70 9.27
N SER A 101 -3.91 15.49 8.72
CA SER A 101 -3.07 14.40 9.20
C SER A 101 -1.59 14.74 9.04
N ARG A 102 -1.24 15.28 7.88
CA ARG A 102 0.14 15.66 7.61
C ARG A 102 0.58 16.81 8.50
N GLU A 103 -0.30 17.78 8.73
CA GLU A 103 -0.03 18.87 9.65
C GLU A 103 0.35 18.33 11.05
N GLU A 104 -0.37 17.31 11.50
CA GLU A 104 -0.14 16.74 12.83
C GLU A 104 1.25 16.10 12.95
N ILE A 105 1.61 15.31 11.96
CA ILE A 105 2.94 14.70 11.91
C ILE A 105 4.02 15.79 11.82
N ALA A 106 3.81 16.76 10.94
CA ALA A 106 4.73 17.91 10.85
C ALA A 106 4.90 18.56 12.21
N SER A 107 3.79 18.77 12.90
CA SER A 107 3.78 19.43 14.20
C SER A 107 4.51 18.61 15.25
N TYR A 108 4.27 17.30 15.27
CA TYR A 108 4.82 16.39 16.28
C TYR A 108 6.35 16.22 16.18
N TYR A 109 6.88 16.22 14.96
CA TYR A 109 8.33 16.06 14.76
C TYR A 109 9.08 17.36 14.46
N HIS A 110 8.38 18.50 14.34
CA HIS A 110 9.04 19.78 14.04
C HIS A 110 9.96 20.26 15.14
N CYS A 111 11.06 20.87 14.74
CA CYS A 111 11.84 21.74 15.62
C CYS A 111 12.61 22.72 14.72
N PRO A 112 13.06 23.85 15.27
CA PRO A 112 13.68 24.86 14.42
C PRO A 112 14.93 24.37 13.68
N GLU A 113 15.68 23.47 14.30
CA GLU A 113 16.89 22.93 13.70
C GLU A 113 16.61 21.91 12.59
N ALA A 114 15.35 21.47 12.49
CA ALA A 114 14.88 20.64 11.38
C ALA A 114 13.39 20.89 11.13
N PRO A 115 13.07 22.03 10.49
CA PRO A 115 11.67 22.42 10.43
C PRO A 115 10.87 21.53 9.48
N LEU A 116 9.60 21.34 9.82
CA LEU A 116 8.68 20.61 8.98
C LEU A 116 7.34 21.33 8.96
N GLU A 117 6.77 21.48 7.77
CA GLU A 117 5.38 21.85 7.62
C GLU A 117 4.66 20.68 6.91
N ALA A 118 3.35 20.78 6.75
CA ALA A 118 2.55 19.70 6.15
C ALA A 118 3.04 19.28 4.77
N LYS A 119 3.62 20.20 4.01
CA LYS A 119 4.13 19.90 2.66
C LYS A 119 5.36 18.99 2.66
N ASP A 120 6.09 18.95 3.78
CA ASP A 120 7.28 18.11 3.94
C ASP A 120 6.94 16.69 4.40
N VAL A 121 5.65 16.37 4.47
CA VAL A 121 5.20 15.08 4.98
C VAL A 121 4.40 14.30 3.95
N ILE A 122 4.73 13.02 3.81
CA ILE A 122 3.97 12.11 2.95
C ILE A 122 3.62 10.90 3.78
N LEU A 123 2.33 10.67 3.96
CA LEU A 123 1.84 9.50 4.70
C LEU A 123 1.84 8.26 3.79
N THR A 124 2.28 7.13 4.33
CA THR A 124 2.51 5.92 3.54
C THR A 124 1.89 4.66 4.15
N SER A 125 1.83 3.59 3.37
CA SER A 125 1.26 2.31 3.79
C SER A 125 2.31 1.53 4.56
N GLY A 126 2.62 2.01 5.76
CA GLY A 126 3.72 1.49 6.56
C GLY A 126 5.04 2.13 6.19
N CYS A 127 5.98 2.06 7.12
CA CYS A 127 7.33 2.58 6.90
C CYS A 127 8.00 1.89 5.71
N SER A 128 7.62 0.64 5.45
CA SER A 128 8.16 -0.10 4.31
C SER A 128 7.95 0.62 2.96
N GLN A 129 6.75 1.15 2.75
CA GLN A 129 6.42 1.86 1.52
C GLN A 129 7.15 3.20 1.47
N ALA A 130 7.19 3.88 2.62
CA ALA A 130 8.01 5.09 2.79
C ALA A 130 9.43 4.87 2.25
N ILE A 131 10.08 3.83 2.77
CA ILE A 131 11.43 3.46 2.34
C ILE A 131 11.45 3.13 0.85
N ASP A 132 10.43 2.42 0.38
CA ASP A 132 10.29 2.07 -1.02
C ASP A 132 10.25 3.35 -1.89
N LEU A 133 9.27 4.22 -1.63
CA LEU A 133 9.10 5.47 -2.38
C LEU A 133 10.36 6.34 -2.40
N CYS A 134 11.04 6.40 -1.25
CA CYS A 134 12.29 7.16 -1.13
C CYS A 134 13.37 6.62 -2.06
N LEU A 135 13.50 5.30 -2.10
CA LEU A 135 14.47 4.63 -2.98
C LEU A 135 14.09 4.76 -4.45
N ALA A 136 12.79 4.74 -4.73
CA ALA A 136 12.30 4.92 -6.09
C ALA A 136 12.72 6.29 -6.63
N VAL A 137 12.37 7.33 -5.89
CA VAL A 137 12.62 8.71 -6.32
C VAL A 137 14.10 9.08 -6.40
N LEU A 138 14.94 8.43 -5.58
CA LEU A 138 16.35 8.79 -5.49
C LEU A 138 17.27 8.02 -6.44
N ALA A 139 16.82 6.88 -6.98
CA ALA A 139 17.72 5.96 -7.70
C ALA A 139 17.07 5.20 -8.87
N ASN A 140 17.82 5.09 -9.97
CA ASN A 140 17.39 4.38 -11.18
C ASN A 140 18.05 3.01 -11.30
N PRO A 141 17.47 2.11 -12.13
CA PRO A 141 18.12 0.83 -12.40
C PRO A 141 19.50 1.04 -12.98
N GLY A 142 20.53 0.65 -12.23
CA GLY A 142 21.93 0.87 -12.62
C GLY A 142 22.71 1.59 -11.53
N GLN A 143 22.06 2.50 -10.82
CA GLN A 143 22.68 3.21 -9.71
C GLN A 143 22.78 2.30 -8.49
N ASN A 144 23.55 2.72 -7.49
CA ASN A 144 23.72 1.94 -6.25
C ASN A 144 23.25 2.65 -4.98
N ILE A 145 23.18 1.90 -3.88
CA ILE A 145 22.91 2.45 -2.55
C ILE A 145 23.78 1.75 -1.49
N LEU A 146 24.18 2.49 -0.46
CA LEU A 146 24.95 1.92 0.66
C LEU A 146 24.02 1.40 1.75
N VAL A 147 24.14 0.10 2.06
CA VAL A 147 23.30 -0.55 3.07
C VAL A 147 24.17 -1.12 4.20
N PRO A 148 23.75 -0.96 5.47
CA PRO A 148 24.53 -1.49 6.58
C PRO A 148 24.53 -3.03 6.65
N ARG A 149 25.56 -3.59 7.28
CA ARG A 149 25.58 -5.01 7.65
C ARG A 149 26.19 -5.13 9.06
N PRO A 150 25.48 -5.77 10.00
CA PRO A 150 24.14 -6.32 9.85
C PRO A 150 23.12 -5.22 9.53
N GLY A 151 22.25 -5.48 8.57
CA GLY A 151 21.22 -4.53 8.17
C GLY A 151 19.88 -5.18 7.94
N PHE A 152 18.81 -4.45 8.27
CA PHE A 152 17.43 -4.87 7.98
C PHE A 152 17.35 -5.21 6.50
N SER A 153 16.83 -6.40 6.18
CA SER A 153 16.94 -6.96 4.84
C SER A 153 16.04 -6.34 3.76
N LEU A 154 15.11 -5.48 4.17
CA LEU A 154 14.19 -4.85 3.24
C LEU A 154 14.93 -3.96 2.24
N TYR A 155 16.03 -3.33 2.68
CA TYR A 155 16.77 -2.42 1.81
C TYR A 155 17.30 -3.16 0.57
N LYS A 156 17.74 -4.40 0.76
CA LYS A 156 18.28 -5.20 -0.34
C LYS A 156 17.15 -5.71 -1.24
N THR A 157 16.09 -6.23 -0.62
CA THR A 157 14.95 -6.80 -1.37
C THR A 157 14.26 -5.74 -2.23
N LEU A 158 14.09 -4.53 -1.70
CA LEU A 158 13.46 -3.44 -2.46
C LEU A 158 14.36 -2.95 -3.60
N ALA A 159 15.61 -2.65 -3.28
CA ALA A 159 16.55 -2.10 -4.26
C ALA A 159 16.78 -3.06 -5.44
N GLU A 160 17.13 -4.31 -5.13
CA GLU A 160 17.46 -5.30 -6.15
C GLU A 160 16.25 -5.77 -6.96
N SER A 161 15.05 -5.55 -6.44
CA SER A 161 13.83 -5.90 -7.17
C SER A 161 13.44 -4.85 -8.22
N MET A 162 13.84 -3.60 -7.98
CA MET A 162 13.68 -2.54 -8.99
C MET A 162 15.02 -2.18 -9.66
N GLY A 163 16.00 -3.10 -9.58
CA GLY A 163 17.23 -2.99 -10.35
C GLY A 163 18.35 -2.15 -9.76
N ILE A 164 18.15 -1.63 -8.55
CA ILE A 164 19.22 -0.89 -7.87
C ILE A 164 20.19 -1.88 -7.24
N GLU A 165 21.48 -1.67 -7.50
CA GLU A 165 22.51 -2.55 -6.95
C GLU A 165 22.88 -2.10 -5.54
N VAL A 166 22.97 -3.05 -4.63
CA VAL A 166 23.28 -2.76 -3.23
C VAL A 166 24.76 -2.99 -2.93
N LYS A 167 25.39 -1.99 -2.31
CA LYS A 167 26.72 -2.14 -1.73
C LYS A 167 26.58 -2.16 -0.21
N LEU A 168 27.39 -2.98 0.47
CA LEU A 168 27.28 -3.17 1.93
C LEU A 168 28.44 -2.55 2.72
N TYR A 169 28.12 -1.78 3.75
CA TYR A 169 29.12 -1.22 4.65
C TYR A 169 29.00 -1.80 6.06
N ASN A 170 30.14 -1.99 6.72
CA ASN A 170 30.19 -2.73 7.99
C ASN A 170 29.84 -1.90 9.22
N LEU A 171 29.19 -2.55 10.18
CA LEU A 171 29.03 -2.04 11.53
C LEU A 171 29.99 -2.81 12.44
N LEU A 172 30.52 -2.13 13.46
CA LEU A 172 31.57 -2.69 14.32
C LEU A 172 31.03 -3.19 15.69
N PRO A 173 30.98 -4.53 15.88
CA PRO A 173 30.47 -5.15 17.12
C PRO A 173 31.16 -4.69 18.40
N GLU A 174 32.48 -4.52 18.32
CA GLU A 174 33.33 -4.10 19.43
C GLU A 174 33.22 -2.61 19.77
N LYS A 175 32.65 -1.81 18.85
CA LYS A 175 32.34 -0.41 19.11
C LYS A 175 30.84 -0.14 18.99
N SER A 176 30.04 -0.91 19.73
CA SER A 176 28.59 -0.71 19.84
C SER A 176 27.86 -0.63 18.50
N TRP A 177 28.35 -1.40 17.51
CA TRP A 177 27.80 -1.43 16.15
C TRP A 177 27.88 -0.09 15.41
N GLU A 178 28.86 0.74 15.77
CA GLU A 178 29.13 1.97 15.03
C GLU A 178 29.55 1.66 13.61
N ILE A 179 29.29 2.60 12.71
CA ILE A 179 29.65 2.47 11.31
C ILE A 179 31.16 2.55 11.14
N ASP A 180 31.71 1.71 10.27
CA ASP A 180 33.09 1.85 9.83
C ASP A 180 33.12 3.06 8.89
N LEU A 181 33.52 4.20 9.43
CA LEU A 181 33.51 5.46 8.69
C LEU A 181 34.45 5.46 7.49
N LYS A 182 35.63 4.86 7.64
CA LYS A 182 36.64 4.87 6.58
C LYS A 182 36.15 4.07 5.37
N GLN A 183 35.65 2.85 5.62
CA GLN A 183 35.08 2.01 4.58
C GLN A 183 33.85 2.66 3.95
N LEU A 184 33.04 3.32 4.77
CA LEU A 184 31.82 3.97 4.31
C LEU A 184 32.11 5.03 3.25
N GLU A 185 33.09 5.87 3.51
CA GLU A 185 33.46 6.94 2.57
C GLU A 185 34.13 6.39 1.30
N TYR A 186 34.80 5.25 1.41
CA TYR A 186 35.18 4.47 0.23
C TYR A 186 33.90 3.79 -0.28
N LEU A 187 33.99 3.05 -1.38
CA LEU A 187 32.87 2.18 -1.80
C LEU A 187 31.67 2.93 -2.39
N ILE A 188 31.49 4.20 -2.01
CA ILE A 188 30.52 5.07 -2.69
C ILE A 188 31.09 5.58 -4.02
N ASP A 189 30.42 5.21 -5.10
CA ASP A 189 30.81 5.65 -6.44
C ASP A 189 30.21 7.02 -6.70
N GLU A 190 30.52 7.59 -7.86
CA GLU A 190 29.78 8.74 -8.37
C GLU A 190 28.41 8.29 -8.89
N LYS A 191 28.21 6.98 -8.95
CA LYS A 191 26.91 6.35 -9.24
C LYS A 191 26.07 6.13 -7.97
N THR A 192 26.63 6.40 -6.80
CA THR A 192 25.91 6.17 -5.53
C THR A 192 24.80 7.18 -5.30
N ALA A 193 23.56 6.74 -5.50
CA ALA A 193 22.38 7.60 -5.39
C ALA A 193 21.99 7.93 -3.95
N CYS A 194 22.33 7.05 -3.00
CA CYS A 194 21.80 7.19 -1.65
C CYS A 194 22.53 6.34 -0.59
N LEU A 195 22.57 6.87 0.64
CA LEU A 195 23.14 6.20 1.80
C LEU A 195 22.04 5.90 2.82
N ILE A 196 21.88 4.62 3.18
CA ILE A 196 20.87 4.25 4.17
C ILE A 196 21.48 4.16 5.57
N VAL A 197 20.86 4.87 6.52
CA VAL A 197 21.23 4.78 7.92
C VAL A 197 20.01 4.36 8.70
N ASN A 198 20.16 3.32 9.51
CA ASN A 198 19.09 2.81 10.37
C ASN A 198 19.49 2.97 11.83
N ASN A 199 18.79 3.87 12.53
CA ASN A 199 19.12 4.21 13.91
C ASN A 199 17.89 4.70 14.67
N PRO A 200 17.53 4.03 15.78
CA PRO A 200 18.17 2.82 16.32
C PRO A 200 18.02 1.63 15.36
N SER A 201 18.86 0.61 15.54
CA SER A 201 19.03 -0.44 14.54
C SER A 201 18.23 -1.71 14.82
N ASN A 202 17.60 -2.22 13.76
CA ASN A 202 17.23 -3.63 13.64
C ASN A 202 18.19 -4.20 12.59
N PRO A 203 18.99 -5.23 12.93
CA PRO A 203 18.93 -6.15 14.08
C PRO A 203 19.79 -5.85 15.30
N CYS A 204 20.62 -4.82 15.24
CA CYS A 204 21.67 -4.59 16.24
C CYS A 204 21.21 -4.03 17.59
N GLY A 205 20.10 -3.31 17.61
CA GLY A 205 19.60 -2.68 18.85
C GLY A 205 20.42 -1.48 19.30
N SER A 206 21.26 -0.96 18.41
CA SER A 206 22.18 0.12 18.73
C SER A 206 21.54 1.51 18.64
N VAL A 207 22.12 2.46 19.36
CA VAL A 207 21.69 3.85 19.34
C VAL A 207 22.94 4.71 19.21
N PHE A 208 23.13 5.30 18.03
CA PHE A 208 24.35 6.05 17.76
C PHE A 208 24.43 7.29 18.67
N SER A 209 25.66 7.62 19.07
CA SER A 209 25.91 8.81 19.89
C SER A 209 25.74 10.06 19.03
N LYS A 210 25.52 11.20 19.69
CA LYS A 210 25.43 12.47 18.97
C LYS A 210 26.71 12.68 18.18
N ARG A 211 27.84 12.46 18.84
CA ARG A 211 29.15 12.52 18.19
C ARG A 211 29.22 11.71 16.91
N HIS A 212 28.90 10.43 17.01
CA HIS A 212 29.01 9.51 15.87
C HIS A 212 28.07 9.91 14.73
N LEU A 213 26.86 10.35 15.08
CA LEU A 213 25.90 10.84 14.08
C LEU A 213 26.46 12.06 13.32
N GLN A 214 27.11 12.98 14.04
CA GLN A 214 27.76 14.12 13.38
C GLN A 214 28.87 13.63 12.47
N LYS A 215 29.62 12.63 12.94
CA LYS A 215 30.69 12.04 12.13
C LYS A 215 30.15 11.42 10.85
N ILE A 216 28.99 10.77 10.92
CA ILE A 216 28.35 10.20 9.74
C ILE A 216 27.88 11.30 8.80
N LEU A 217 27.25 12.32 9.36
CA LEU A 217 26.82 13.47 8.57
C LEU A 217 28.01 14.10 7.83
N ALA A 218 29.11 14.33 8.57
CA ALA A 218 30.34 14.92 8.01
C ALA A 218 30.88 14.16 6.79
N VAL A 219 30.71 12.84 6.78
CA VAL A 219 31.14 12.01 5.65
C VAL A 219 30.32 12.35 4.40
N ALA A 220 29.00 12.23 4.52
CA ALA A 220 28.08 12.43 3.39
C ALA A 220 28.06 13.85 2.84
N ALA A 221 28.35 14.84 3.68
CA ALA A 221 28.35 16.24 3.26
C ALA A 221 29.51 16.51 2.32
N ARG A 222 30.72 16.19 2.75
CA ARG A 222 31.93 16.42 1.95
C ARG A 222 32.05 15.42 0.79
N GLN A 223 31.24 14.36 0.83
CA GLN A 223 31.16 13.39 -0.27
C GLN A 223 29.88 13.56 -1.09
N CYS A 224 29.01 14.49 -0.66
CA CYS A 224 27.83 14.91 -1.42
C CYS A 224 26.88 13.78 -1.82
N VAL A 225 26.36 13.05 -0.82
CA VAL A 225 25.37 12.01 -1.06
C VAL A 225 24.25 12.11 -0.01
N PRO A 226 22.97 12.04 -0.45
CA PRO A 226 21.85 12.19 0.48
C PRO A 226 21.58 10.95 1.33
N ILE A 227 20.95 11.16 2.49
CA ILE A 227 20.69 10.09 3.45
C ILE A 227 19.20 9.73 3.58
N LEU A 228 18.92 8.45 3.39
CA LEU A 228 17.61 7.88 3.69
C LEU A 228 17.73 7.34 5.11
N ALA A 229 17.14 8.04 6.07
CA ALA A 229 17.24 7.67 7.48
C ALA A 229 16.00 6.85 7.90
N ASP A 230 16.21 5.58 8.22
CA ASP A 230 15.13 4.74 8.72
C ASP A 230 15.06 4.89 10.24
N GLU A 231 14.09 5.67 10.70
CA GLU A 231 13.93 5.97 12.12
C GLU A 231 12.56 5.51 12.64
N ILE A 232 12.19 4.30 12.23
CA ILE A 232 11.00 3.63 12.75
C ILE A 232 11.11 3.43 14.28
N TYR A 233 12.33 3.21 14.78
CA TYR A 233 12.58 3.02 16.21
C TYR A 233 12.92 4.31 16.95
N GLY A 234 12.70 5.46 16.32
CA GLY A 234 12.98 6.75 16.94
C GLY A 234 12.22 6.94 18.25
N ASP A 235 12.90 7.52 19.24
CA ASP A 235 12.34 7.73 20.59
C ASP A 235 12.16 6.42 21.38
N MET A 236 12.70 5.32 20.84
CA MET A 236 12.72 4.05 21.55
C MET A 236 14.13 3.73 21.94
N VAL A 237 14.63 4.52 22.89
CA VAL A 237 15.95 4.36 23.49
C VAL A 237 15.73 4.12 24.97
N PHE A 238 16.45 3.16 25.53
CA PHE A 238 16.22 2.77 26.93
C PHE A 238 17.46 2.78 27.82
N SER A 239 18.61 3.17 27.25
CA SER A 239 19.86 3.17 28.01
C SER A 239 20.39 4.60 28.13
N ASP A 240 21.69 4.72 28.41
CA ASP A 240 22.32 6.02 28.58
C ASP A 240 22.86 6.55 27.23
N CYS A 241 21.92 6.71 26.30
CA CYS A 241 22.15 7.42 25.05
C CYS A 241 20.86 8.20 24.80
N LYS A 242 20.97 9.45 24.36
CA LYS A 242 19.80 10.20 23.95
C LYS A 242 19.49 9.80 22.52
N TYR A 243 18.23 9.92 22.11
CA TYR A 243 17.89 9.81 20.69
C TYR A 243 17.85 11.20 20.06
N GLU A 244 18.74 11.43 19.09
CA GLU A 244 18.62 12.56 18.17
C GLU A 244 18.19 12.00 16.84
N PRO A 245 17.12 12.55 16.25
CA PRO A 245 16.84 12.26 14.84
C PRO A 245 17.97 12.81 13.97
N LEU A 246 18.44 12.02 13.01
CA LEU A 246 19.60 12.36 12.18
C LEU A 246 19.56 13.80 11.63
N ALA A 247 18.40 14.34 11.37
CA ALA A 247 18.30 15.62 10.77
C ALA A 247 18.37 16.81 11.69
N THR A 248 18.13 16.64 12.97
CA THR A 248 18.20 17.71 13.89
C THR A 248 19.62 18.13 13.96
N LEU A 249 20.50 17.34 13.35
CA LEU A 249 21.90 17.57 13.41
C LEU A 249 22.46 17.83 12.06
N SER A 250 21.66 17.83 11.04
CA SER A 250 22.15 18.18 9.76
C SER A 250 22.11 19.70 9.56
N THR A 251 22.93 20.14 8.63
CA THR A 251 23.13 21.53 8.30
C THR A 251 23.22 21.63 6.83
N ASP A 252 23.96 20.73 6.25
CA ASP A 252 24.07 20.69 4.82
C ASP A 252 23.76 19.40 4.07
N VAL A 253 23.47 18.33 4.79
CA VAL A 253 23.11 17.03 4.23
C VAL A 253 21.58 16.88 4.21
N PRO A 254 21.00 16.72 3.02
CA PRO A 254 19.56 16.58 2.90
C PRO A 254 19.12 15.15 3.17
N ILE A 255 18.04 14.99 3.93
CA ILE A 255 17.64 13.70 4.46
C ILE A 255 16.16 13.42 4.24
N LEU A 256 15.84 12.21 3.80
CA LEU A 256 14.49 11.70 3.83
C LEU A 256 14.39 10.71 5.02
N SER A 257 13.61 11.09 6.03
CA SER A 257 13.49 10.27 7.22
C SER A 257 12.19 9.47 7.17
N CYS A 258 12.31 8.17 7.39
CA CYS A 258 11.17 7.28 7.37
C CYS A 258 10.85 6.80 8.78
N GLY A 259 9.58 6.95 9.17
CA GLY A 259 9.10 6.53 10.47
C GLY A 259 7.72 5.94 10.31
N GLY A 260 6.97 5.92 11.41
CA GLY A 260 5.63 5.34 11.42
C GLY A 260 5.18 4.88 12.78
N LEU A 261 3.95 4.36 12.83
CA LEU A 261 3.32 3.93 14.07
C LEU A 261 3.73 2.53 14.51
N ALA A 262 4.28 1.75 13.58
CA ALA A 262 4.41 0.29 13.73
C ALA A 262 5.00 -0.18 15.06
N LYS A 263 6.17 0.35 15.39
CA LYS A 263 6.93 -0.19 16.50
C LYS A 263 6.69 0.59 17.79
N ARG A 264 6.73 1.92 17.70
CA ARG A 264 6.60 2.76 18.89
C ARG A 264 5.18 2.73 19.46
N TRP A 265 4.17 2.57 18.59
CA TRP A 265 2.78 2.44 19.05
C TRP A 265 2.25 1.01 18.96
N LEU A 266 3.13 0.07 18.60
CA LEU A 266 2.83 -1.35 18.69
C LEU A 266 1.61 -1.76 17.86
N VAL A 267 1.44 -1.14 16.69
CA VAL A 267 0.36 -1.49 15.76
C VAL A 267 0.91 -1.63 14.35
N PRO A 268 1.86 -2.56 14.15
CA PRO A 268 2.50 -2.71 12.85
C PRO A 268 1.54 -3.06 11.73
N GLY A 269 0.45 -3.75 12.07
CA GLY A 269 -0.48 -4.22 11.07
C GLY A 269 -1.34 -3.12 10.49
N TRP A 270 -1.38 -1.97 11.16
CA TRP A 270 -2.25 -0.87 10.76
C TRP A 270 -1.78 -0.17 9.47
N ARG A 271 -0.52 -0.38 9.09
CA ARG A 271 0.01 0.04 7.79
C ARG A 271 -0.04 1.56 7.60
N LEU A 272 0.56 2.26 8.56
CA LEU A 272 0.74 3.69 8.42
C LEU A 272 2.16 4.07 8.80
N GLY A 273 2.86 4.66 7.83
CA GLY A 273 4.17 5.23 8.04
C GLY A 273 4.25 6.59 7.39
N TRP A 274 5.44 7.18 7.38
CA TRP A 274 5.58 8.50 6.79
C TRP A 274 7.01 8.80 6.36
N ILE A 275 7.12 9.70 5.39
CA ILE A 275 8.37 10.31 4.96
C ILE A 275 8.41 11.74 5.49
N LEU A 276 9.53 12.10 6.10
CA LEU A 276 9.80 13.46 6.54
C LEU A 276 10.95 13.98 5.68
N ILE A 277 10.66 14.97 4.84
CA ILE A 277 11.65 15.53 3.93
C ILE A 277 12.39 16.67 4.64
N HIS A 278 13.67 16.46 4.91
CA HIS A 278 14.52 17.46 5.54
C HIS A 278 15.52 17.95 4.50
N ASP A 279 15.05 18.80 3.60
CA ASP A 279 15.93 19.34 2.55
C ASP A 279 16.87 20.38 3.15
N ARG A 280 18.02 20.55 2.51
CA ARG A 280 18.95 21.64 2.83
C ARG A 280 19.38 22.29 1.55
N ARG A 281 19.51 23.61 1.57
CA ARG A 281 20.03 24.36 0.43
C ARG A 281 19.31 24.02 -0.90
N ASP A 282 18.02 23.68 -0.81
CA ASP A 282 17.23 23.22 -1.96
C ASP A 282 17.94 22.15 -2.81
N ILE A 283 18.66 21.23 -2.15
CA ILE A 283 19.36 20.17 -2.89
C ILE A 283 18.36 19.20 -3.53
N PHE A 284 17.34 18.78 -2.77
CA PHE A 284 16.25 18.00 -3.33
C PHE A 284 15.39 18.84 -4.27
N GLY A 285 15.03 20.05 -3.83
CA GLY A 285 14.21 20.97 -4.62
C GLY A 285 12.81 20.44 -4.87
N ASN A 286 12.07 21.10 -5.76
CA ASN A 286 10.70 20.69 -6.10
C ASN A 286 10.62 19.37 -6.86
N GLU A 287 11.68 19.04 -7.60
CA GLU A 287 11.71 17.84 -8.44
C GLU A 287 11.47 16.57 -7.63
N ILE A 288 12.23 16.42 -6.55
CA ILE A 288 12.09 15.24 -5.69
C ILE A 288 10.76 15.22 -4.98
N ARG A 289 10.36 16.37 -4.42
CA ARG A 289 9.04 16.51 -3.81
C ARG A 289 7.96 16.07 -4.78
N ASP A 290 8.03 16.57 -6.01
CA ASP A 290 7.05 16.24 -7.04
C ASP A 290 7.19 14.77 -7.46
N GLY A 291 8.40 14.24 -7.46
CA GLY A 291 8.63 12.82 -7.75
C GLY A 291 7.96 11.92 -6.72
N LEU A 292 8.16 12.24 -5.45
CA LEU A 292 7.47 11.57 -4.35
C LEU A 292 5.96 11.61 -4.52
N VAL A 293 5.42 12.79 -4.81
CA VAL A 293 3.97 12.97 -4.98
C VAL A 293 3.39 12.12 -6.14
N LYS A 294 4.06 12.11 -7.29
CA LYS A 294 3.59 11.29 -8.42
C LYS A 294 3.59 9.80 -8.07
N LEU A 295 4.71 9.31 -7.55
CA LEU A 295 4.83 7.91 -7.18
C LEU A 295 3.78 7.51 -6.15
N SER A 296 3.45 8.41 -5.23
CA SER A 296 2.44 8.12 -4.20
C SER A 296 1.05 7.90 -4.82
N GLN A 297 0.73 8.62 -5.89
CA GLN A 297 -0.56 8.49 -6.58
C GLN A 297 -0.77 7.11 -7.20
N ARG A 298 0.30 6.31 -7.26
CA ARG A 298 0.21 4.91 -7.68
C ARG A 298 -0.66 4.05 -6.76
N ILE A 299 -0.22 3.90 -5.49
CA ILE A 299 -0.89 3.02 -4.50
C ILE A 299 -2.08 3.73 -3.82
N LEU A 300 -2.00 5.06 -3.75
CA LEU A 300 -3.05 5.94 -3.15
C LEU A 300 -3.04 6.03 -1.62
N GLY A 301 -1.94 5.64 -0.98
CA GLY A 301 -1.76 5.94 0.45
C GLY A 301 -2.43 5.01 1.45
N PRO A 302 -2.27 5.30 2.75
CA PRO A 302 -2.71 4.43 3.83
C PRO A 302 -4.17 4.62 4.24
N CYS A 303 -4.70 3.65 4.98
CA CYS A 303 -6.10 3.63 5.41
C CYS A 303 -6.52 4.96 6.04
N THR A 304 -7.58 5.57 5.50
CA THR A 304 -8.05 6.87 5.98
C THR A 304 -8.48 6.89 7.44
N ILE A 305 -8.92 5.75 7.98
CA ILE A 305 -9.27 5.65 9.40
C ILE A 305 -8.07 5.86 10.32
N VAL A 306 -6.92 5.32 9.94
CA VAL A 306 -5.68 5.52 10.70
C VAL A 306 -5.16 6.97 10.56
N GLN A 307 -5.33 7.55 9.37
CA GLN A 307 -5.01 8.96 9.14
C GLN A 307 -5.86 9.86 10.02
N GLY A 308 -7.16 9.61 10.05
CA GLY A 308 -8.09 10.37 10.90
C GLY A 308 -7.85 10.22 12.40
N ALA A 309 -7.28 9.09 12.80
CA ALA A 309 -7.00 8.83 14.21
C ALA A 309 -5.65 9.40 14.67
N LEU A 310 -4.86 9.89 13.72
CA LEU A 310 -3.46 10.23 14.00
C LEU A 310 -3.34 11.35 15.03
N LYS A 311 -4.18 12.37 14.91
CA LYS A 311 -4.18 13.49 15.85
C LYS A 311 -4.29 13.01 17.29
N SER A 312 -5.33 12.23 17.58
CA SER A 312 -5.54 11.74 18.95
C SER A 312 -4.46 10.74 19.38
N ILE A 313 -3.97 9.92 18.44
CA ILE A 313 -2.86 9.00 18.72
C ILE A 313 -1.62 9.75 19.21
N LEU A 314 -1.25 10.81 18.50
CA LEU A 314 -0.07 11.60 18.87
C LEU A 314 -0.36 12.49 20.08
N CYS A 315 -1.56 13.07 20.14
CA CYS A 315 -1.91 14.02 21.20
C CYS A 315 -2.30 13.37 22.52
N ARG A 316 -2.99 12.23 22.48
CA ARG A 316 -3.57 11.69 23.71
C ARG A 316 -2.91 10.45 24.30
N THR A 317 -2.02 9.79 23.55
CA THR A 317 -1.29 8.63 24.07
C THR A 317 -0.39 9.08 25.22
N PRO A 318 -0.56 8.50 26.43
CA PRO A 318 0.18 9.04 27.58
C PRO A 318 1.68 8.77 27.56
N GLY A 319 2.42 9.61 28.27
CA GLY A 319 3.86 9.45 28.42
C GLY A 319 4.21 8.12 29.05
N GLU A 320 3.38 7.67 29.99
CA GLU A 320 3.61 6.42 30.72
C GLU A 320 3.56 5.17 29.82
N PHE A 321 2.75 5.20 28.76
CA PHE A 321 2.75 4.12 27.77
C PHE A 321 4.14 3.92 27.14
N TYR A 322 4.74 5.01 26.66
CA TYR A 322 6.07 4.95 26.04
C TYR A 322 7.12 4.53 27.10
N HIS A 323 7.02 5.12 28.28
CA HIS A 323 7.92 4.82 29.38
C HIS A 323 7.83 3.35 29.83
N ASN A 324 6.62 2.83 30.05
CA ASN A 324 6.44 1.41 30.44
C ASN A 324 6.96 0.45 29.37
N THR A 325 6.77 0.80 28.11
CA THR A 325 7.28 -0.02 27.00
C THR A 325 8.80 -0.11 27.08
N LEU A 326 9.45 1.04 27.28
CA LEU A 326 10.91 1.11 27.32
C LEU A 326 11.46 0.48 28.60
N SER A 327 10.70 0.54 29.69
CA SER A 327 11.10 -0.12 30.95
C SER A 327 11.09 -1.63 30.81
N PHE A 328 10.03 -2.15 30.23
CA PHE A 328 9.94 -3.57 29.88
C PHE A 328 11.09 -3.97 28.96
N LEU A 329 11.35 -3.16 27.94
CA LEU A 329 12.40 -3.49 26.97
C LEU A 329 13.77 -3.51 27.65
N LYS A 330 14.04 -2.54 28.53
CA LYS A 330 15.35 -2.46 29.21
C LYS A 330 15.57 -3.65 30.13
N SER A 331 14.60 -3.93 30.99
CA SER A 331 14.61 -5.10 31.87
C SER A 331 14.92 -6.39 31.10
N ASN A 332 14.22 -6.58 29.99
CA ASN A 332 14.35 -7.81 29.23
C ASN A 332 15.71 -7.86 28.54
N ALA A 333 16.19 -6.71 28.09
CA ALA A 333 17.55 -6.57 27.52
C ALA A 333 18.64 -6.91 28.52
N ASP A 334 18.51 -6.38 29.74
CA ASP A 334 19.45 -6.68 30.83
C ASP A 334 19.47 -8.19 31.11
N LEU A 335 18.30 -8.75 31.39
CA LEU A 335 18.13 -10.20 31.61
C LEU A 335 18.74 -11.04 30.50
N CYS A 336 18.42 -10.70 29.24
CA CYS A 336 18.91 -11.45 28.08
C CYS A 336 20.42 -11.26 27.91
N TYR A 337 20.87 -10.01 27.93
CA TYR A 337 22.30 -9.73 27.81
C TYR A 337 23.08 -10.44 28.89
N GLY A 338 22.61 -10.31 30.14
CA GLY A 338 23.29 -10.89 31.29
C GLY A 338 23.39 -12.41 31.19
N ALA A 339 22.27 -13.05 30.92
CA ALA A 339 22.17 -14.47 30.72
C ALA A 339 23.20 -15.00 29.75
N LEU A 340 23.30 -14.38 28.59
CA LEU A 340 24.07 -14.95 27.50
C LEU A 340 25.53 -14.57 27.54
N ALA A 341 25.86 -13.54 28.27
CA ALA A 341 27.25 -13.21 28.56
C ALA A 341 27.90 -14.27 29.43
N ALA A 342 27.22 -14.60 30.52
CA ALA A 342 27.50 -15.75 31.30
C ALA A 342 27.71 -17.02 30.53
N ILE A 343 27.07 -17.23 29.41
CA ILE A 343 27.32 -18.42 28.66
C ILE A 343 28.60 -18.46 27.87
N PRO A 344 29.46 -19.42 28.13
CA PRO A 344 30.67 -19.54 27.36
C PRO A 344 30.44 -19.85 25.90
N GLY A 345 31.12 -19.15 25.01
CA GLY A 345 30.93 -19.32 23.57
C GLY A 345 30.03 -18.28 22.92
N LEU A 346 29.29 -17.55 23.74
CA LEU A 346 28.41 -16.50 23.27
C LEU A 346 28.92 -15.15 23.74
N ARG A 347 28.95 -14.20 22.82
CA ARG A 347 29.36 -12.83 23.09
C ARG A 347 28.27 -11.89 22.57
N PRO A 348 27.26 -11.59 23.41
CA PRO A 348 26.26 -10.61 23.02
C PRO A 348 26.82 -9.18 23.04
N VAL A 349 26.23 -8.31 22.23
CA VAL A 349 26.55 -6.88 22.26
C VAL A 349 25.31 -6.18 22.78
N ARG A 350 25.42 -5.55 23.94
CA ARG A 350 24.23 -5.08 24.65
C ARG A 350 23.57 -3.91 23.90
N PRO A 351 22.23 -3.95 23.79
CA PRO A 351 21.50 -2.95 23.01
C PRO A 351 21.12 -1.73 23.85
N SER A 352 20.95 -0.60 23.18
CA SER A 352 20.48 0.63 23.82
C SER A 352 19.07 1.01 23.40
N GLY A 353 18.57 0.39 22.34
CA GLY A 353 17.26 0.75 21.81
C GLY A 353 16.69 -0.27 20.86
N ALA A 354 15.52 0.04 20.31
CA ALA A 354 14.76 -0.88 19.45
C ALA A 354 14.42 -2.15 20.23
N MET A 355 14.30 -3.27 19.53
CA MET A 355 13.67 -4.47 20.11
C MET A 355 14.48 -5.77 19.94
N TYR A 356 15.78 -5.62 19.71
CA TYR A 356 16.65 -6.75 19.42
C TYR A 356 18.01 -6.59 20.07
N LEU A 357 18.77 -7.67 20.07
CA LEU A 357 20.20 -7.61 20.24
C LEU A 357 20.85 -8.69 19.39
N MET A 358 22.11 -8.46 19.04
CA MET A 358 22.88 -9.42 18.28
C MET A 358 23.82 -10.14 19.24
N VAL A 359 24.04 -11.42 18.96
CA VAL A 359 24.91 -12.27 19.76
C VAL A 359 25.96 -12.90 18.87
N GLY A 360 27.23 -12.69 19.18
CA GLY A 360 28.31 -13.36 18.48
C GLY A 360 28.45 -14.78 18.97
N ILE A 361 28.71 -15.71 18.04
CA ILE A 361 28.96 -17.10 18.36
C ILE A 361 30.43 -17.40 18.12
N GLU A 362 31.12 -17.85 19.16
CA GLU A 362 32.54 -18.20 19.06
C GLU A 362 32.68 -19.55 18.36
N MET A 363 32.65 -19.53 17.03
CA MET A 363 32.58 -20.75 16.22
C MET A 363 33.66 -21.80 16.53
N GLU A 364 34.83 -21.36 17.02
CA GLU A 364 35.92 -22.28 17.34
C GLU A 364 35.62 -23.15 18.57
N HIS A 365 34.76 -22.66 19.45
CA HIS A 365 34.35 -23.41 20.63
C HIS A 365 33.15 -24.34 20.36
N PHE A 366 32.65 -24.35 19.13
CA PHE A 366 31.57 -25.24 18.72
C PHE A 366 31.94 -25.95 17.42
N PRO A 367 32.93 -26.86 17.47
CA PRO A 367 33.44 -27.52 16.26
C PRO A 367 32.33 -28.13 15.40
N GLU A 368 31.38 -28.80 16.05
CA GLU A 368 30.26 -29.44 15.35
C GLU A 368 29.57 -28.55 14.31
N PHE A 369 29.55 -27.23 14.53
CA PHE A 369 28.82 -26.31 13.66
C PHE A 369 29.72 -25.49 12.73
N GLU A 370 29.23 -25.24 11.53
CA GLU A 370 29.92 -24.41 10.54
C GLU A 370 29.43 -22.97 10.66
N ASN A 371 28.11 -22.82 10.60
CA ASN A 371 27.43 -21.54 10.49
C ASN A 371 26.57 -21.24 11.73
N ASP A 372 26.06 -20.02 11.76
CA ASP A 372 24.97 -19.66 12.67
C ASP A 372 23.68 -20.37 12.28
N VAL A 373 23.57 -20.75 11.00
CA VAL A 373 22.41 -21.46 10.49
C VAL A 373 22.30 -22.87 11.10
N GLU A 374 23.41 -23.58 11.16
CA GLU A 374 23.41 -24.91 11.79
C GLU A 374 23.17 -24.79 13.30
N PHE A 375 23.85 -23.85 13.94
CA PHE A 375 23.70 -23.59 15.36
C PHE A 375 22.23 -23.38 15.69
N THR A 376 21.56 -22.49 14.98
CA THR A 376 20.16 -22.18 15.28
C THR A 376 19.23 -23.33 14.93
N GLU A 377 19.62 -24.14 13.94
CA GLU A 377 18.87 -25.33 13.55
C GLU A 377 18.94 -26.44 14.61
N ARG A 378 20.14 -26.73 15.09
CA ARG A 378 20.31 -27.73 16.14
C ARG A 378 19.65 -27.28 17.44
N LEU A 379 19.78 -25.99 17.75
CA LEU A 379 19.12 -25.41 18.91
C LEU A 379 17.62 -25.67 18.88
N VAL A 380 17.01 -25.51 17.70
CA VAL A 380 15.60 -25.83 17.52
C VAL A 380 15.41 -27.33 17.77
N ALA A 381 16.26 -28.14 17.12
CA ALA A 381 16.16 -29.60 17.22
C ALA A 381 16.22 -30.10 18.66
N GLU A 382 17.15 -29.54 19.44
CA GLU A 382 17.43 -30.03 20.78
C GLU A 382 16.65 -29.32 21.89
N GLN A 383 16.43 -28.01 21.75
CA GLN A 383 15.79 -27.21 22.81
C GLN A 383 14.48 -26.51 22.42
N SER A 384 14.07 -26.60 21.16
CA SER A 384 12.89 -25.90 20.68
C SER A 384 12.94 -24.40 20.96
N VAL A 385 14.09 -23.79 20.71
CA VAL A 385 14.24 -22.33 20.77
C VAL A 385 14.66 -21.85 19.39
N HIS A 386 13.91 -20.90 18.84
CA HIS A 386 14.23 -20.36 17.53
C HIS A 386 14.81 -18.95 17.64
N CYS A 387 16.10 -18.85 17.32
CA CYS A 387 16.78 -17.59 17.15
C CYS A 387 17.04 -17.40 15.66
N LEU A 388 17.07 -16.15 15.21
CA LEU A 388 17.26 -15.86 13.79
C LEU A 388 18.76 -15.86 13.50
N PRO A 389 19.22 -16.76 12.62
CA PRO A 389 20.64 -16.71 12.26
C PRO A 389 20.93 -15.42 11.49
N ALA A 390 21.99 -14.71 11.86
CA ALA A 390 22.26 -13.38 11.29
C ALA A 390 22.72 -13.39 9.83
N THR A 391 22.95 -14.58 9.26
CA THR A 391 23.13 -14.74 7.81
C THR A 391 21.97 -14.13 7.03
N CYS A 392 20.76 -14.20 7.60
CA CYS A 392 19.59 -13.52 7.07
C CYS A 392 19.87 -12.02 6.82
N PHE A 393 20.63 -11.38 7.72
CA PHE A 393 21.02 -9.97 7.60
C PHE A 393 22.43 -9.79 7.02
N GLU A 394 22.91 -10.79 6.27
CA GLU A 394 24.22 -10.75 5.61
C GLU A 394 25.41 -10.68 6.60
N TYR A 395 25.28 -11.31 7.77
CA TYR A 395 26.33 -11.23 8.82
C TYR A 395 26.51 -12.57 9.57
N PRO A 396 27.26 -13.52 8.99
CA PRO A 396 27.48 -14.87 9.57
C PRO A 396 28.06 -14.90 11.00
N ASN A 397 27.96 -16.08 11.63
CA ASN A 397 28.44 -16.32 13.02
C ASN A 397 27.79 -15.49 14.13
N PHE A 398 26.68 -14.84 13.82
CA PHE A 398 25.91 -14.08 14.82
C PHE A 398 24.47 -14.53 14.77
N ILE A 399 23.71 -14.22 15.82
CA ILE A 399 22.28 -14.51 15.87
C ILE A 399 21.56 -13.26 16.35
N ARG A 400 20.32 -13.07 15.92
CA ARG A 400 19.47 -12.02 16.48
C ARG A 400 18.41 -12.63 17.37
N VAL A 401 18.13 -11.95 18.48
CA VAL A 401 17.13 -12.36 19.45
C VAL A 401 16.21 -11.16 19.71
N VAL A 402 14.90 -11.41 19.74
CA VAL A 402 13.94 -10.36 20.09
C VAL A 402 13.90 -10.23 21.60
N ILE A 403 13.94 -9.00 22.10
CA ILE A 403 13.84 -8.78 23.54
C ILE A 403 12.40 -8.47 23.98
N THR A 404 11.42 -8.79 23.13
CA THR A 404 10.02 -8.39 23.33
C THR A 404 9.11 -9.50 23.87
N VAL A 405 9.64 -10.72 23.92
CA VAL A 405 8.89 -11.85 24.47
C VAL A 405 8.71 -11.64 25.97
N PRO A 406 7.63 -12.17 26.56
CA PRO A 406 7.43 -12.05 28.02
C PRO A 406 8.66 -12.49 28.82
N GLU A 407 8.89 -11.83 29.95
CA GLU A 407 10.12 -12.04 30.72
C GLU A 407 10.33 -13.52 31.09
N VAL A 408 9.26 -14.20 31.50
CA VAL A 408 9.35 -15.63 31.86
C VAL A 408 9.71 -16.50 30.66
N MET A 409 9.29 -16.09 29.47
CA MET A 409 9.65 -16.75 28.22
C MET A 409 11.12 -16.52 27.88
N MET A 410 11.60 -15.30 28.12
CA MET A 410 13.01 -14.99 27.95
C MET A 410 13.88 -15.78 28.93
N LEU A 411 13.42 -15.91 30.17
CA LEU A 411 14.17 -16.60 31.20
C LEU A 411 14.36 -18.07 30.82
N GLU A 412 13.25 -18.74 30.55
CA GLU A 412 13.24 -20.12 30.07
C GLU A 412 14.14 -20.31 28.85
N ALA A 413 13.98 -19.45 27.85
CA ALA A 413 14.73 -19.57 26.59
C ALA A 413 16.23 -19.48 26.86
N CYS A 414 16.61 -18.54 27.72
CA CYS A 414 18.01 -18.34 28.05
C CYS A 414 18.61 -19.53 28.77
N SER A 415 17.87 -20.15 29.69
CA SER A 415 18.39 -21.33 30.39
C SER A 415 18.50 -22.56 29.47
N ARG A 416 17.58 -22.68 28.52
CA ARG A 416 17.67 -23.72 27.49
C ARG A 416 18.91 -23.53 26.62
N ILE A 417 19.15 -22.28 26.20
CA ILE A 417 20.30 -21.94 25.36
C ILE A 417 21.60 -22.21 26.11
N GLN A 418 21.62 -21.88 27.41
CA GLN A 418 22.75 -22.19 28.29
C GLN A 418 23.10 -23.69 28.29
N GLU A 419 22.09 -24.52 28.51
CA GLU A 419 22.26 -25.97 28.52
C GLU A 419 22.78 -26.48 27.16
N PHE A 420 22.17 -26.02 26.07
CA PHE A 420 22.58 -26.37 24.71
C PHE A 420 24.04 -26.02 24.47
N CYS A 421 24.44 -24.79 24.77
CA CYS A 421 25.83 -24.38 24.60
C CYS A 421 26.77 -25.23 25.46
N GLU A 422 26.38 -25.52 26.70
CA GLU A 422 27.20 -26.35 27.61
C GLU A 422 27.40 -27.73 27.00
N GLN A 423 26.35 -28.27 26.38
CA GLN A 423 26.38 -29.60 25.79
C GLN A 423 27.22 -29.70 24.50
N HIS A 424 27.56 -28.57 23.89
CA HIS A 424 28.30 -28.55 22.62
C HIS A 424 29.60 -27.73 22.64
N TYR A 425 29.90 -27.08 23.77
CA TYR A 425 31.08 -26.23 23.90
C TYR A 425 32.36 -27.09 23.96
N HIS A 426 33.38 -26.67 23.22
CA HIS A 426 34.70 -27.31 23.26
C HIS A 426 35.77 -26.30 23.71
N CYS A 427 36.80 -26.82 24.38
CA CYS A 427 37.86 -26.03 25.02
C CYS A 427 37.35 -25.26 26.24
N TRP B 24 26.98 17.86 -5.49
CA TRP B 24 25.51 17.69 -5.27
C TRP B 24 24.75 17.67 -6.59
N SER B 25 23.97 16.60 -6.80
CA SER B 25 23.19 16.41 -8.04
C SER B 25 22.09 15.39 -7.82
N VAL B 26 21.15 15.71 -6.93
CA VAL B 26 20.08 14.79 -6.56
C VAL B 26 18.88 15.05 -7.47
N ARG B 27 18.57 14.07 -8.31
CA ARG B 27 17.52 14.20 -9.33
C ARG B 27 16.52 13.05 -9.30
N PRO B 28 15.28 13.30 -9.74
CA PRO B 28 14.22 12.28 -9.72
C PRO B 28 14.44 11.13 -10.72
N SER B 29 13.93 9.96 -10.38
CA SER B 29 14.06 8.78 -11.23
C SER B 29 13.16 8.88 -12.46
N ASP B 30 13.45 8.02 -13.43
CA ASP B 30 12.82 8.07 -14.74
C ASP B 30 11.40 7.48 -14.69
N VAL B 48 -9.32 28.38 -15.04
CA VAL B 48 -10.66 28.88 -15.28
C VAL B 48 -11.42 29.04 -13.98
N LYS B 49 -11.69 30.28 -13.58
CA LYS B 49 -12.42 30.56 -12.36
C LYS B 49 -13.92 30.34 -12.59
N PRO B 50 -14.62 29.75 -11.61
CA PRO B 50 -16.08 29.64 -11.74
C PRO B 50 -16.80 30.97 -11.65
N ASN B 51 -18.03 31.00 -12.14
CA ASN B 51 -18.89 32.15 -11.96
C ASN B 51 -18.98 32.43 -10.45
N PRO B 52 -18.46 33.59 -9.99
CA PRO B 52 -18.42 33.88 -8.56
C PRO B 52 -19.78 34.10 -7.85
N ASN B 53 -20.87 34.35 -8.58
N ASN B 53 -20.83 34.28 -8.67
CA ASN B 53 -22.17 34.43 -7.89
CA ASN B 53 -22.18 34.50 -8.20
C ASN B 53 -23.10 33.24 -8.12
C ASN B 53 -22.96 33.21 -7.96
N LYS B 54 -22.56 32.14 -8.64
CA LYS B 54 -23.26 30.84 -8.60
C LYS B 54 -22.38 29.82 -7.88
N THR B 55 -22.94 29.15 -6.88
CA THR B 55 -22.15 28.24 -6.05
C THR B 55 -21.80 26.99 -6.85
N MET B 56 -20.52 26.64 -6.84
CA MET B 56 -19.99 25.52 -7.60
C MET B 56 -20.77 24.24 -7.33
N ILE B 57 -21.12 23.52 -8.39
CA ILE B 57 -21.57 22.14 -8.27
C ILE B 57 -20.61 21.25 -9.05
N SER B 58 -19.95 20.33 -8.37
CA SER B 58 -19.07 19.40 -9.04
C SER B 58 -19.77 18.06 -9.34
N LEU B 59 -19.80 17.70 -10.61
CA LEU B 59 -20.27 16.37 -11.03
C LEU B 59 -19.09 15.52 -11.50
N SER B 60 -17.87 15.94 -11.14
CA SER B 60 -16.67 15.32 -11.68
C SER B 60 -15.89 14.49 -10.66
N ILE B 61 -16.24 14.61 -9.38
CA ILE B 61 -15.45 13.99 -8.31
C ILE B 61 -15.83 12.51 -8.19
N GLY B 62 -14.85 11.63 -8.44
CA GLY B 62 -15.10 10.19 -8.46
C GLY B 62 -15.02 9.54 -7.08
N ASP B 63 -15.70 10.15 -6.11
CA ASP B 63 -15.74 9.70 -4.74
C ASP B 63 -17.18 9.78 -4.29
N PRO B 64 -17.85 8.63 -4.12
CA PRO B 64 -19.25 8.64 -3.69
C PRO B 64 -19.49 9.22 -2.29
N THR B 65 -18.46 9.29 -1.47
CA THR B 65 -18.60 9.77 -0.10
C THR B 65 -18.85 11.29 0.00
N VAL B 66 -18.31 12.04 -0.96
CA VAL B 66 -17.97 13.45 -0.72
C VAL B 66 -19.07 14.37 -0.19
N PHE B 67 -20.33 14.07 -0.48
CA PHE B 67 -21.43 14.95 -0.08
C PHE B 67 -22.18 14.46 1.15
N GLY B 68 -21.73 13.34 1.72
CA GLY B 68 -22.35 12.84 2.97
C GLY B 68 -23.71 12.18 2.78
N ASN B 69 -24.17 12.11 1.53
CA ASN B 69 -25.45 11.49 1.20
C ASN B 69 -25.35 9.98 0.98
N LEU B 70 -24.14 9.42 0.96
CA LEU B 70 -23.94 7.97 0.83
C LEU B 70 -23.01 7.42 1.90
N PRO B 71 -23.40 7.55 3.17
CA PRO B 71 -22.60 6.93 4.23
C PRO B 71 -22.66 5.40 4.16
N THR B 72 -21.63 4.74 4.67
CA THR B 72 -21.60 3.28 4.69
C THR B 72 -22.59 2.80 5.76
N ASP B 73 -22.92 1.53 5.75
CA ASP B 73 -23.88 1.00 6.72
C ASP B 73 -23.31 1.05 8.12
N PRO B 74 -24.17 1.27 9.13
CA PRO B 74 -23.69 1.22 10.52
C PRO B 74 -23.01 -0.10 10.91
N GLU B 75 -23.40 -1.21 10.29
CA GLU B 75 -22.78 -2.50 10.56
C GLU B 75 -21.33 -2.55 10.10
N VAL B 76 -21.03 -1.86 9.00
CA VAL B 76 -19.65 -1.78 8.52
C VAL B 76 -18.81 -1.07 9.56
N THR B 77 -19.26 0.12 9.96
CA THR B 77 -18.63 0.87 11.04
C THR B 77 -18.44 0.02 12.30
N GLN B 78 -19.47 -0.74 12.68
CA GLN B 78 -19.42 -1.52 13.92
C GLN B 78 -18.39 -2.64 13.85
N ALA B 79 -18.32 -3.31 12.70
CA ALA B 79 -17.36 -4.39 12.51
C ALA B 79 -15.91 -3.92 12.72
N MET B 80 -15.61 -2.71 12.26
CA MET B 80 -14.30 -2.08 12.48
C MET B 80 -14.06 -1.85 13.97
N LYS B 81 -15.05 -1.27 14.63
CA LYS B 81 -15.00 -1.03 16.08
C LYS B 81 -14.85 -2.34 16.86
N ASP B 82 -15.55 -3.40 16.44
CA ASP B 82 -15.43 -4.73 17.08
C ASP B 82 -14.02 -5.28 16.92
N ALA B 83 -13.50 -5.23 15.70
CA ALA B 83 -12.13 -5.62 15.40
C ALA B 83 -11.12 -4.84 16.27
N LEU B 84 -11.33 -3.54 16.41
CA LEU B 84 -10.49 -2.71 17.30
C LEU B 84 -10.55 -3.14 18.77
N ASP B 85 -11.77 -3.41 19.26
CA ASP B 85 -11.97 -3.83 20.65
C ASP B 85 -11.37 -5.19 20.96
N SER B 86 -11.30 -6.07 19.95
CA SER B 86 -10.76 -7.43 20.15
C SER B 86 -9.27 -7.46 20.50
N GLY B 87 -8.51 -6.48 19.98
CA GLY B 87 -7.07 -6.45 20.17
C GLY B 87 -6.32 -7.54 19.41
N LYS B 88 -7.00 -8.20 18.47
CA LYS B 88 -6.46 -9.35 17.73
C LYS B 88 -5.79 -8.97 16.41
N TYR B 89 -6.01 -7.74 15.95
CA TYR B 89 -5.68 -7.36 14.59
C TYR B 89 -4.75 -6.16 14.52
N ASN B 90 -3.79 -6.12 15.45
CA ASN B 90 -2.83 -5.03 15.54
C ASN B 90 -1.44 -5.43 15.08
N GLY B 91 -1.16 -6.73 15.08
CA GLY B 91 0.15 -7.27 14.68
C GLY B 91 0.23 -7.48 13.18
N TYR B 92 1.40 -7.92 12.69
CA TYR B 92 1.62 -8.17 11.26
C TYR B 92 0.74 -9.30 10.77
N ALA B 93 0.06 -9.09 9.66
CA ALA B 93 -0.55 -10.20 8.92
C ALA B 93 0.48 -10.65 7.90
N PRO B 94 0.29 -11.85 7.31
CA PRO B 94 1.09 -12.15 6.13
C PRO B 94 0.77 -11.15 5.02
N SER B 95 1.74 -10.88 4.15
CA SER B 95 1.61 -9.89 3.07
C SER B 95 0.33 -10.01 2.24
N ILE B 96 -0.07 -11.25 1.97
CA ILE B 96 -1.26 -11.55 1.16
C ILE B 96 -2.56 -11.50 1.98
N GLY B 97 -2.44 -11.33 3.30
CA GLY B 97 -3.58 -11.17 4.18
C GLY B 97 -3.75 -12.31 5.16
N PHE B 98 -4.45 -12.05 6.27
CA PHE B 98 -4.81 -13.11 7.22
C PHE B 98 -5.55 -14.23 6.50
N LEU B 99 -5.27 -15.47 6.91
CA LEU B 99 -5.93 -16.65 6.33
C LEU B 99 -7.44 -16.55 6.45
N SER B 100 -7.91 -16.25 7.66
CA SER B 100 -9.35 -16.17 7.92
C SER B 100 -10.02 -15.07 7.07
N SER B 101 -9.31 -13.97 6.84
CA SER B 101 -9.82 -12.89 5.99
C SER B 101 -9.89 -13.34 4.53
N ARG B 102 -8.84 -13.99 4.06
CA ARG B 102 -8.84 -14.57 2.72
C ARG B 102 -9.93 -15.63 2.58
N GLU B 103 -10.12 -16.45 3.61
CA GLU B 103 -11.14 -17.50 3.59
C GLU B 103 -12.54 -16.91 3.48
N GLU B 104 -12.78 -15.80 4.17
CA GLU B 104 -14.09 -15.13 4.15
C GLU B 104 -14.41 -14.52 2.79
N ILE B 105 -13.39 -13.96 2.12
CA ILE B 105 -13.57 -13.40 0.79
C ILE B 105 -13.83 -14.53 -0.19
N ALA B 106 -13.00 -15.58 -0.11
CA ALA B 106 -13.14 -16.76 -0.98
C ALA B 106 -14.54 -17.35 -0.92
N SER B 107 -15.06 -17.51 0.30
CA SER B 107 -16.37 -18.15 0.44
C SER B 107 -17.51 -17.16 0.15
N TYR B 108 -17.22 -15.86 0.16
CA TYR B 108 -18.21 -14.86 -0.23
C TYR B 108 -18.40 -14.78 -1.76
N TYR B 109 -17.34 -15.05 -2.51
CA TYR B 109 -17.38 -14.95 -3.96
C TYR B 109 -17.34 -16.28 -4.71
N HIS B 110 -17.06 -17.38 -4.00
CA HIS B 110 -17.00 -18.73 -4.60
C HIS B 110 -18.33 -19.13 -5.21
N CYS B 111 -18.27 -19.81 -6.34
CA CYS B 111 -19.40 -20.58 -6.85
C CYS B 111 -18.83 -21.73 -7.67
N PRO B 112 -19.60 -22.79 -7.87
CA PRO B 112 -19.06 -23.95 -8.56
C PRO B 112 -18.43 -23.65 -9.94
N GLU B 113 -18.95 -22.64 -10.62
CA GLU B 113 -18.46 -22.24 -11.95
C GLU B 113 -17.14 -21.47 -11.85
N ALA B 114 -16.85 -20.95 -10.65
CA ALA B 114 -15.63 -20.22 -10.38
C ALA B 114 -15.17 -20.44 -8.94
N PRO B 115 -14.67 -21.65 -8.63
CA PRO B 115 -14.38 -21.94 -7.24
C PRO B 115 -13.21 -21.15 -6.69
N LEU B 116 -13.25 -20.85 -5.41
CA LEU B 116 -12.21 -20.11 -4.73
C LEU B 116 -11.97 -20.72 -3.38
N GLU B 117 -10.71 -20.99 -3.07
CA GLU B 117 -10.25 -21.28 -1.72
C GLU B 117 -9.47 -20.07 -1.26
N ALA B 118 -9.08 -20.04 0.02
CA ALA B 118 -8.23 -18.96 0.56
C ALA B 118 -6.95 -18.73 -0.25
N LYS B 119 -6.37 -19.81 -0.78
CA LYS B 119 -5.14 -19.74 -1.57
C LYS B 119 -5.28 -18.94 -2.86
N ASP B 120 -6.52 -18.77 -3.34
CA ASP B 120 -6.83 -18.03 -4.57
C ASP B 120 -7.11 -16.54 -4.32
N VAL B 121 -6.90 -16.09 -3.09
CA VAL B 121 -7.19 -14.72 -2.69
C VAL B 121 -5.92 -14.02 -2.20
N ILE B 122 -5.68 -12.81 -2.69
CA ILE B 122 -4.63 -11.93 -2.17
C ILE B 122 -5.30 -10.62 -1.79
N LEU B 123 -5.20 -10.24 -0.50
CA LEU B 123 -5.73 -8.97 -0.04
C LEU B 123 -4.69 -7.89 -0.32
N THR B 124 -5.16 -6.74 -0.80
CA THR B 124 -4.31 -5.64 -1.25
C THR B 124 -4.77 -4.31 -0.67
N SER B 125 -3.91 -3.31 -0.77
CA SER B 125 -4.19 -1.96 -0.31
C SER B 125 -5.06 -1.21 -1.33
N GLY B 126 -6.34 -1.57 -1.35
CA GLY B 126 -7.28 -1.07 -2.35
C GLY B 126 -7.14 -1.81 -3.67
N CYS B 127 -8.16 -1.66 -4.51
CA CYS B 127 -8.22 -2.32 -5.82
C CYS B 127 -7.10 -1.84 -6.74
N SER B 128 -6.72 -0.56 -6.63
CA SER B 128 -5.61 -0.01 -7.38
C SER B 128 -4.32 -0.83 -7.21
N GLN B 129 -4.00 -1.23 -5.98
CA GLN B 129 -2.83 -2.08 -5.76
C GLN B 129 -3.06 -3.47 -6.35
N ALA B 130 -4.29 -3.99 -6.23
CA ALA B 130 -4.67 -5.26 -6.84
C ALA B 130 -4.36 -5.25 -8.35
N ILE B 131 -4.85 -4.21 -9.02
CA ILE B 131 -4.66 -4.06 -10.47
C ILE B 131 -3.17 -3.99 -10.80
N ASP B 132 -2.43 -3.24 -9.99
CA ASP B 132 -1.00 -3.02 -10.17
C ASP B 132 -0.22 -4.32 -10.01
N LEU B 133 -0.55 -5.11 -8.99
CA LEU B 133 0.09 -6.40 -8.77
C LEU B 133 -0.15 -7.36 -9.95
N CYS B 134 -1.40 -7.41 -10.41
CA CYS B 134 -1.77 -8.28 -11.54
C CYS B 134 -1.01 -7.92 -12.82
N LEU B 135 -0.96 -6.62 -13.13
CA LEU B 135 -0.19 -6.14 -14.29
C LEU B 135 1.30 -6.44 -14.14
N ALA B 136 1.84 -6.19 -12.95
CA ALA B 136 3.27 -6.38 -12.68
C ALA B 136 3.67 -7.85 -12.72
N VAL B 137 2.73 -8.76 -12.48
CA VAL B 137 3.02 -10.19 -12.53
C VAL B 137 2.88 -10.79 -13.93
N LEU B 138 2.01 -10.22 -14.76
CA LEU B 138 1.72 -10.76 -16.11
C LEU B 138 2.55 -10.14 -17.24
N ALA B 139 3.03 -8.91 -17.06
CA ALA B 139 3.56 -8.13 -18.19
C ALA B 139 4.97 -7.58 -17.92
N ASN B 140 5.84 -7.77 -18.90
CA ASN B 140 7.19 -7.21 -18.86
C ASN B 140 7.27 -5.97 -19.74
N PRO B 141 8.32 -5.14 -19.53
CA PRO B 141 8.62 -4.07 -20.46
C PRO B 141 8.67 -4.58 -21.89
N GLY B 142 8.00 -3.88 -22.80
CA GLY B 142 7.95 -4.28 -24.20
C GLY B 142 6.65 -4.98 -24.56
N GLN B 143 6.09 -5.72 -23.61
CA GLN B 143 4.78 -6.34 -23.82
C GLN B 143 3.70 -5.28 -23.81
N ASN B 144 2.56 -5.59 -24.42
CA ASN B 144 1.41 -4.65 -24.39
C ASN B 144 0.22 -5.20 -23.59
N ILE B 145 -0.63 -4.29 -23.12
CA ILE B 145 -1.95 -4.66 -22.59
C ILE B 145 -3.04 -3.95 -23.37
N LEU B 146 -4.21 -4.58 -23.44
CA LEU B 146 -5.36 -4.00 -24.12
C LEU B 146 -6.25 -3.33 -23.09
N VAL B 147 -6.50 -2.04 -23.29
CA VAL B 147 -7.24 -1.22 -22.34
C VAL B 147 -8.47 -0.62 -23.04
N PRO B 148 -9.61 -0.54 -22.32
CA PRO B 148 -10.81 0.03 -22.91
C PRO B 148 -10.72 1.53 -23.19
N ARG B 149 -11.46 1.96 -24.19
CA ARG B 149 -11.54 3.35 -24.58
C ARG B 149 -13.00 3.70 -24.88
N PRO B 150 -13.65 4.55 -24.06
CA PRO B 150 -13.15 5.25 -22.88
C PRO B 150 -12.91 4.29 -21.73
N GLY B 151 -11.93 4.62 -20.89
CA GLY B 151 -11.52 3.71 -19.83
C GLY B 151 -10.94 4.42 -18.64
N PHE B 152 -11.17 3.83 -17.47
CA PHE B 152 -10.54 4.23 -16.22
C PHE B 152 -9.03 4.42 -16.45
N SER B 153 -8.53 5.61 -16.13
CA SER B 153 -7.18 6.03 -16.52
C SER B 153 -6.04 5.38 -15.73
N LEU B 154 -6.37 4.66 -14.66
CA LEU B 154 -5.35 3.95 -13.89
C LEU B 154 -4.56 2.92 -14.73
N TYR B 155 -5.23 2.21 -15.62
CA TYR B 155 -4.58 1.10 -16.35
C TYR B 155 -3.40 1.62 -17.16
N LYS B 156 -3.64 2.69 -17.90
CA LYS B 156 -2.60 3.32 -18.71
C LYS B 156 -1.50 3.90 -17.82
N THR B 157 -1.90 4.53 -16.72
CA THR B 157 -0.95 5.12 -15.77
C THR B 157 -0.03 4.07 -15.14
N LEU B 158 -0.60 3.00 -14.61
CA LEU B 158 0.22 1.94 -13.99
C LEU B 158 1.13 1.27 -15.02
N ALA B 159 0.59 0.96 -16.19
CA ALA B 159 1.30 0.18 -17.21
C ALA B 159 2.46 0.94 -17.87
N GLU B 160 2.21 2.19 -18.25
CA GLU B 160 3.24 3.00 -18.92
C GLU B 160 4.37 3.42 -17.97
N SER B 161 4.07 3.47 -16.67
CA SER B 161 5.10 3.72 -15.66
C SER B 161 6.03 2.52 -15.50
N MET B 162 5.49 1.32 -15.73
CA MET B 162 6.26 0.07 -15.65
C MET B 162 6.81 -0.38 -17.02
N GLY B 163 6.81 0.51 -18.01
CA GLY B 163 7.37 0.22 -19.33
C GLY B 163 6.48 -0.65 -20.20
N ILE B 164 5.23 -0.83 -19.80
CA ILE B 164 4.28 -1.68 -20.54
C ILE B 164 3.51 -0.83 -21.55
N GLU B 165 3.52 -1.26 -22.81
CA GLU B 165 2.77 -0.56 -23.86
C GLU B 165 1.27 -0.76 -23.69
N VAL B 166 0.51 0.24 -24.10
CA VAL B 166 -0.95 0.20 -23.98
C VAL B 166 -1.56 0.31 -25.36
N LYS B 167 -2.35 -0.68 -25.74
CA LYS B 167 -3.20 -0.62 -26.92
C LYS B 167 -4.63 -0.34 -26.47
N LEU B 168 -5.28 0.60 -27.12
CA LEU B 168 -6.64 1.02 -26.74
C LEU B 168 -7.70 0.43 -27.66
N TYR B 169 -8.63 -0.32 -27.09
CA TYR B 169 -9.77 -0.83 -27.87
C TYR B 169 -11.03 0.00 -27.61
N ASN B 170 -11.82 0.24 -28.66
CA ASN B 170 -12.99 1.09 -28.55
C ASN B 170 -14.17 0.39 -27.86
N LEU B 171 -14.96 1.17 -27.14
CA LEU B 171 -16.28 0.75 -26.72
C LEU B 171 -17.27 1.52 -27.59
N LEU B 172 -18.44 0.93 -27.82
CA LEU B 172 -19.42 1.47 -28.78
C LEU B 172 -20.56 2.18 -28.06
N PRO B 173 -20.61 3.52 -28.15
CA PRO B 173 -21.67 4.30 -27.47
C PRO B 173 -23.10 3.99 -27.94
N GLU B 174 -23.24 3.48 -29.15
CA GLU B 174 -24.56 3.13 -29.71
C GLU B 174 -24.98 1.71 -29.37
N LYS B 175 -24.06 0.91 -28.82
CA LYS B 175 -24.39 -0.44 -28.37
C LYS B 175 -24.12 -0.57 -26.87
N SER B 176 -24.63 0.37 -26.08
CA SER B 176 -24.51 0.32 -24.63
C SER B 176 -23.05 0.18 -24.17
N TRP B 177 -22.15 0.86 -24.87
CA TRP B 177 -20.70 0.82 -24.59
C TRP B 177 -20.06 -0.57 -24.63
N GLU B 178 -20.66 -1.49 -25.40
CA GLU B 178 -20.08 -2.81 -25.61
C GLU B 178 -18.74 -2.69 -26.34
N ILE B 179 -17.89 -3.70 -26.12
CA ILE B 179 -16.60 -3.80 -26.77
C ILE B 179 -16.78 -4.00 -28.27
N ASP B 180 -15.95 -3.33 -29.05
CA ASP B 180 -15.80 -3.62 -30.47
C ASP B 180 -14.95 -4.88 -30.59
N LEU B 181 -15.63 -6.03 -30.66
CA LEU B 181 -14.97 -7.34 -30.64
C LEU B 181 -14.01 -7.55 -31.83
N LYS B 182 -14.39 -7.04 -33.00
CA LYS B 182 -13.54 -7.16 -34.20
C LYS B 182 -12.21 -6.45 -33.98
N GLN B 183 -12.27 -5.20 -33.54
CA GLN B 183 -11.06 -4.44 -33.23
C GLN B 183 -10.27 -5.06 -32.08
N LEU B 184 -10.98 -5.49 -31.05
CA LEU B 184 -10.34 -6.11 -29.89
C LEU B 184 -9.47 -7.28 -30.33
N GLU B 185 -10.05 -8.19 -31.11
CA GLU B 185 -9.36 -9.39 -31.57
C GLU B 185 -8.19 -9.01 -32.48
N TYR B 186 -8.40 -8.03 -33.34
CA TYR B 186 -7.33 -7.54 -34.23
C TYR B 186 -6.15 -7.01 -33.43
N LEU B 187 -6.45 -6.17 -32.43
CA LEU B 187 -5.42 -5.53 -31.61
C LEU B 187 -4.48 -6.50 -30.89
N ILE B 188 -4.96 -7.71 -30.58
CA ILE B 188 -4.15 -8.71 -29.89
C ILE B 188 -3.04 -9.24 -30.79
N ASP B 189 -1.80 -9.22 -30.27
CA ASP B 189 -0.65 -9.78 -31.01
C ASP B 189 0.18 -10.66 -30.07
N GLU B 190 1.35 -11.11 -30.53
CA GLU B 190 2.19 -12.03 -29.76
C GLU B 190 2.86 -11.38 -28.54
N LYS B 191 2.87 -10.04 -28.50
CA LYS B 191 3.39 -9.29 -27.34
C LYS B 191 2.30 -9.01 -26.30
N THR B 192 1.04 -9.32 -26.60
CA THR B 192 -0.06 -9.10 -25.65
C THR B 192 0.04 -10.08 -24.48
N ALA B 193 0.25 -9.53 -23.28
CA ALA B 193 0.33 -10.32 -22.07
C ALA B 193 -1.01 -10.36 -21.36
N CYS B 194 -1.87 -9.39 -21.63
CA CYS B 194 -3.09 -9.25 -20.84
C CYS B 194 -4.15 -8.38 -21.50
N LEU B 195 -5.41 -8.69 -21.17
CA LEU B 195 -6.56 -7.95 -21.64
C LEU B 195 -7.31 -7.39 -20.42
N ILE B 196 -7.45 -6.07 -20.36
CA ILE B 196 -8.20 -5.47 -19.26
C ILE B 196 -9.66 -5.32 -19.65
N VAL B 197 -10.55 -5.88 -18.83
CA VAL B 197 -11.98 -5.73 -18.98
C VAL B 197 -12.55 -5.14 -17.69
N ASN B 198 -13.24 -4.01 -17.81
CA ASN B 198 -13.85 -3.34 -16.65
C ASN B 198 -15.36 -3.34 -16.77
N ASN B 199 -16.00 -4.20 -15.98
CA ASN B 199 -17.45 -4.34 -15.98
C ASN B 199 -17.96 -4.59 -14.58
N PRO B 200 -18.96 -3.79 -14.12
CA PRO B 200 -19.52 -2.61 -14.75
C PRO B 200 -18.49 -1.49 -14.86
N SER B 201 -18.73 -0.53 -15.76
CA SER B 201 -17.70 0.43 -16.18
C SER B 201 -17.75 1.79 -15.48
N ASN B 202 -16.56 2.25 -15.10
CA ASN B 202 -16.24 3.65 -14.91
C ASN B 202 -15.38 3.97 -16.13
N PRO B 203 -15.75 4.97 -16.95
CA PRO B 203 -16.74 6.04 -16.82
C PRO B 203 -18.13 5.81 -17.40
N CYS B 204 -18.38 4.65 -17.99
CA CYS B 204 -19.58 4.46 -18.83
C CYS B 204 -20.87 4.13 -18.09
N GLY B 205 -20.76 3.43 -16.96
CA GLY B 205 -21.93 3.01 -16.20
C GLY B 205 -22.62 1.83 -16.87
N SER B 206 -21.89 1.18 -17.77
CA SER B 206 -22.43 0.07 -18.54
C SER B 206 -22.32 -1.24 -17.76
N VAL B 207 -23.22 -2.16 -18.08
CA VAL B 207 -23.21 -3.51 -17.53
C VAL B 207 -23.38 -4.48 -18.70
N PHE B 208 -22.30 -5.17 -19.06
CA PHE B 208 -22.30 -6.07 -20.21
C PHE B 208 -23.31 -7.22 -20.05
N SER B 209 -24.05 -7.50 -21.12
CA SER B 209 -24.95 -8.64 -21.15
C SER B 209 -24.18 -9.95 -21.00
N LYS B 210 -24.89 -11.02 -20.66
CA LYS B 210 -24.25 -12.34 -20.53
C LYS B 210 -23.62 -12.77 -21.85
N ARG B 211 -24.40 -12.63 -22.93
CA ARG B 211 -23.95 -12.96 -24.27
C ARG B 211 -22.67 -12.22 -24.66
N HIS B 212 -22.63 -10.92 -24.40
CA HIS B 212 -21.46 -10.13 -24.77
C HIS B 212 -20.23 -10.54 -23.97
N LEU B 213 -20.40 -10.81 -22.68
CA LEU B 213 -19.30 -11.37 -21.88
C LEU B 213 -18.79 -12.69 -22.46
N GLN B 214 -19.71 -13.54 -22.91
CA GLN B 214 -19.33 -14.83 -23.49
C GLN B 214 -18.54 -14.61 -24.78
N LYS B 215 -18.94 -13.61 -25.56
CA LYS B 215 -18.26 -13.28 -26.81
C LYS B 215 -16.88 -12.65 -26.55
N ILE B 216 -16.74 -11.93 -25.45
CA ILE B 216 -15.44 -11.44 -25.01
C ILE B 216 -14.51 -12.60 -24.62
N LEU B 217 -15.04 -13.54 -23.85
CA LEU B 217 -14.24 -14.72 -23.46
C LEU B 217 -13.76 -15.49 -24.68
N ALA B 218 -14.63 -15.67 -25.67
CA ALA B 218 -14.30 -16.44 -26.87
C ALA B 218 -13.11 -15.85 -27.63
N VAL B 219 -13.07 -14.52 -27.71
CA VAL B 219 -11.94 -13.81 -28.31
C VAL B 219 -10.66 -14.13 -27.54
N ALA B 220 -10.74 -14.07 -26.21
CA ALA B 220 -9.60 -14.35 -25.36
C ALA B 220 -9.16 -15.81 -25.47
N ALA B 221 -10.13 -16.72 -25.65
CA ALA B 221 -9.81 -18.14 -25.84
C ALA B 221 -9.00 -18.35 -27.12
N ARG B 222 -9.55 -17.92 -28.26
CA ARG B 222 -8.93 -18.08 -29.58
C ARG B 222 -7.49 -17.49 -29.65
N GLN B 223 -7.28 -16.34 -29.04
CA GLN B 223 -5.98 -15.66 -29.03
C GLN B 223 -5.09 -16.04 -27.85
N CYS B 224 -5.62 -16.88 -26.95
CA CYS B 224 -4.87 -17.37 -25.78
C CYS B 224 -4.26 -16.24 -24.95
N VAL B 225 -5.11 -15.31 -24.53
CA VAL B 225 -4.70 -14.18 -23.70
C VAL B 225 -5.50 -14.16 -22.40
N PRO B 226 -4.83 -13.97 -21.26
CA PRO B 226 -5.55 -13.90 -19.99
C PRO B 226 -6.24 -12.55 -19.83
N ILE B 227 -7.15 -12.47 -18.86
CA ILE B 227 -7.93 -11.24 -18.64
C ILE B 227 -7.77 -10.77 -17.19
N LEU B 228 -7.49 -9.48 -17.04
CA LEU B 228 -7.55 -8.82 -15.75
C LEU B 228 -8.95 -8.19 -15.68
N ALA B 229 -9.81 -8.75 -14.85
CA ALA B 229 -11.19 -8.28 -14.69
C ALA B 229 -11.30 -7.28 -13.55
N ASP B 230 -11.47 -5.99 -13.87
CA ASP B 230 -11.67 -4.97 -12.84
C ASP B 230 -13.14 -4.93 -12.51
N GLU B 231 -13.50 -5.64 -11.45
CA GLU B 231 -14.90 -5.77 -11.02
C GLU B 231 -15.11 -5.12 -9.66
N ILE B 232 -14.54 -3.92 -9.49
CA ILE B 232 -14.80 -3.11 -8.31
C ILE B 232 -16.29 -2.73 -8.22
N TYR B 233 -16.99 -2.64 -9.35
CA TYR B 233 -18.44 -2.34 -9.35
C TYR B 233 -19.35 -3.57 -9.38
N GLY B 234 -18.77 -4.77 -9.24
CA GLY B 234 -19.56 -6.00 -9.24
C GLY B 234 -20.69 -5.90 -8.24
N ASP B 235 -21.86 -6.40 -8.65
CA ASP B 235 -23.09 -6.41 -7.83
C ASP B 235 -23.74 -5.03 -7.68
N MET B 236 -23.21 -4.03 -8.37
CA MET B 236 -23.77 -2.70 -8.38
C MET B 236 -24.40 -2.44 -9.72
N VAL B 237 -25.49 -3.14 -9.96
CA VAL B 237 -26.26 -2.98 -11.17
C VAL B 237 -27.67 -2.62 -10.74
N PHE B 238 -28.24 -1.64 -11.39
CA PHE B 238 -29.50 -1.09 -11.05
C PHE B 238 -30.50 -1.15 -12.14
N SER B 239 -30.34 -2.10 -13.04
CA SER B 239 -31.13 -2.16 -14.24
C SER B 239 -31.72 -3.53 -14.42
N ASP B 240 -32.47 -3.72 -15.47
CA ASP B 240 -32.78 -5.06 -15.84
C ASP B 240 -31.85 -5.79 -16.76
N CYS B 241 -30.59 -5.66 -16.39
CA CYS B 241 -29.59 -6.62 -16.64
C CYS B 241 -29.36 -7.24 -15.28
N LYS B 242 -28.65 -8.33 -15.29
CA LYS B 242 -28.12 -8.91 -14.07
C LYS B 242 -26.60 -8.84 -14.16
N TYR B 243 -25.93 -8.88 -13.02
CA TYR B 243 -24.46 -8.92 -13.00
C TYR B 243 -23.98 -10.36 -12.98
N GLU B 244 -23.13 -10.72 -13.93
CA GLU B 244 -22.37 -11.96 -13.87
C GLU B 244 -20.91 -11.58 -13.76
N PRO B 245 -20.21 -12.12 -12.74
CA PRO B 245 -18.76 -12.01 -12.75
C PRO B 245 -18.22 -12.74 -13.98
N LEU B 246 -17.15 -12.20 -14.58
CA LEU B 246 -16.61 -12.74 -15.82
C LEU B 246 -16.11 -14.18 -15.69
N ALA B 247 -15.52 -14.50 -14.53
CA ALA B 247 -14.98 -15.83 -14.26
C ALA B 247 -16.07 -16.91 -14.23
N THR B 248 -17.28 -16.54 -13.78
CA THR B 248 -18.37 -17.50 -13.70
C THR B 248 -18.83 -17.94 -15.09
N LEU B 249 -18.38 -17.26 -16.15
CA LEU B 249 -18.73 -17.63 -17.52
C LEU B 249 -17.57 -18.26 -18.29
N SER B 250 -16.39 -18.31 -17.68
CA SER B 250 -15.20 -18.85 -18.35
C SER B 250 -14.98 -20.33 -18.09
N THR B 251 -14.52 -21.03 -19.12
CA THR B 251 -14.09 -22.43 -19.05
C THR B 251 -12.61 -22.56 -19.39
N ASP B 252 -12.18 -21.86 -20.44
CA ASP B 252 -10.81 -21.97 -20.96
C ASP B 252 -9.91 -20.76 -20.63
N VAL B 253 -10.49 -19.67 -20.15
CA VAL B 253 -9.74 -18.41 -20.01
C VAL B 253 -9.40 -18.12 -18.55
N PRO B 254 -8.09 -18.07 -18.23
CA PRO B 254 -7.68 -17.74 -16.88
C PRO B 254 -7.89 -16.26 -16.61
N ILE B 255 -8.45 -15.92 -15.44
CA ILE B 255 -8.79 -14.54 -15.10
CA ILE B 255 -8.79 -14.54 -15.10
C ILE B 255 -8.24 -14.15 -13.72
N LEU B 256 -7.61 -12.98 -13.64
CA LEU B 256 -7.33 -12.35 -12.35
C LEU B 256 -8.39 -11.29 -12.14
N SER B 257 -9.25 -11.48 -11.15
CA SER B 257 -10.37 -10.55 -10.92
C SER B 257 -10.08 -9.63 -9.74
N CYS B 258 -10.21 -8.33 -9.96
CA CYS B 258 -9.94 -7.35 -8.92
C CYS B 258 -11.24 -6.71 -8.41
N GLY B 259 -11.34 -6.60 -7.10
CA GLY B 259 -12.47 -5.97 -6.45
C GLY B 259 -12.03 -5.31 -5.16
N GLY B 260 -12.99 -5.03 -4.30
CA GLY B 260 -12.70 -4.41 -3.01
C GLY B 260 -13.92 -3.77 -2.38
N LEU B 261 -13.70 -3.17 -1.22
CA LEU B 261 -14.76 -2.52 -0.47
C LEU B 261 -15.12 -1.16 -1.02
N ALA B 262 -14.19 -0.55 -1.74
CA ALA B 262 -14.23 0.90 -2.01
C ALA B 262 -15.61 1.41 -2.37
N LYS B 263 -16.22 0.85 -3.40
CA LYS B 263 -17.44 1.44 -3.91
C LYS B 263 -18.76 0.82 -3.45
N ARG B 264 -18.79 -0.50 -3.30
CA ARG B 264 -20.02 -1.16 -2.90
C ARG B 264 -20.33 -0.92 -1.41
N TRP B 265 -19.29 -0.75 -0.60
CA TRP B 265 -19.46 -0.46 0.82
C TRP B 265 -19.12 0.99 1.14
N LEU B 266 -18.85 1.77 0.10
CA LEU B 266 -18.69 3.21 0.22
C LEU B 266 -17.64 3.63 1.25
N VAL B 267 -16.53 2.89 1.28
CA VAL B 267 -15.40 3.20 2.16
C VAL B 267 -14.10 3.17 1.34
N PRO B 268 -14.02 4.00 0.28
CA PRO B 268 -12.83 4.02 -0.58
C PRO B 268 -11.53 4.35 0.15
N GLY B 269 -11.62 5.16 1.20
CA GLY B 269 -10.45 5.58 1.94
C GLY B 269 -9.80 4.47 2.76
N TRP B 270 -10.57 3.43 3.07
CA TRP B 270 -10.11 2.35 3.94
C TRP B 270 -8.96 1.51 3.31
N ARG B 271 -8.84 1.55 1.99
CA ARG B 271 -7.72 0.93 1.28
C ARG B 271 -7.65 -0.59 1.45
N LEU B 272 -8.74 -1.26 1.15
CA LEU B 272 -8.75 -2.72 1.13
C LEU B 272 -9.37 -3.20 -0.19
N GLY B 273 -8.59 -3.98 -0.93
CA GLY B 273 -9.05 -4.60 -2.16
C GLY B 273 -8.55 -6.03 -2.20
N TRP B 274 -8.77 -6.70 -3.32
CA TRP B 274 -8.33 -8.08 -3.45
C TRP B 274 -8.22 -8.54 -4.88
N ILE B 275 -7.38 -9.56 -5.07
CA ILE B 275 -7.27 -10.27 -6.34
C ILE B 275 -7.89 -11.65 -6.14
N LEU B 276 -8.85 -12.00 -6.99
CA LEU B 276 -9.41 -13.35 -6.99
C LEU B 276 -8.79 -14.10 -8.16
N ILE B 277 -8.00 -15.11 -7.86
CA ILE B 277 -7.30 -15.89 -8.88
C ILE B 277 -8.24 -16.97 -9.42
N HIS B 278 -8.67 -16.81 -10.68
CA HIS B 278 -9.56 -17.77 -11.33
C HIS B 278 -8.82 -18.50 -12.44
N ASP B 279 -7.96 -19.44 -12.06
CA ASP B 279 -7.16 -20.17 -13.05
C ASP B 279 -8.06 -21.13 -13.82
N ARG B 280 -7.67 -21.44 -15.05
CA ARG B 280 -8.31 -22.49 -15.81
C ARG B 280 -7.25 -23.35 -16.46
N ARG B 281 -7.40 -24.66 -16.31
CA ARG B 281 -6.54 -25.66 -16.95
C ARG B 281 -5.06 -25.46 -16.65
N ASP B 282 -4.75 -24.97 -15.44
CA ASP B 282 -3.38 -24.83 -14.95
C ASP B 282 -2.53 -23.81 -15.74
N ILE B 283 -3.17 -22.88 -16.44
CA ILE B 283 -2.46 -21.94 -17.31
C ILE B 283 -1.61 -20.96 -16.49
N PHE B 284 -2.18 -20.37 -15.45
CA PHE B 284 -1.42 -19.56 -14.52
C PHE B 284 -0.44 -20.45 -13.77
N GLY B 285 -0.96 -21.56 -13.25
CA GLY B 285 -0.15 -22.52 -12.51
C GLY B 285 0.36 -21.95 -11.21
N ASN B 286 1.27 -22.66 -10.57
CA ASN B 286 1.90 -22.22 -9.32
C ASN B 286 2.72 -20.94 -9.47
N GLU B 287 3.11 -20.62 -10.71
CA GLU B 287 4.11 -19.59 -10.97
C GLU B 287 3.55 -18.17 -10.80
N ILE B 288 2.39 -17.91 -11.40
CA ILE B 288 1.73 -16.61 -11.25
C ILE B 288 1.32 -16.42 -9.78
N ARG B 289 0.86 -17.50 -9.15
CA ARG B 289 0.48 -17.47 -7.74
C ARG B 289 1.64 -17.08 -6.85
N ASP B 290 2.78 -17.75 -7.06
CA ASP B 290 4.02 -17.47 -6.32
C ASP B 290 4.50 -16.05 -6.60
N GLY B 291 4.46 -15.64 -7.87
CA GLY B 291 4.86 -14.29 -8.26
C GLY B 291 4.03 -13.21 -7.60
N LEU B 292 2.73 -13.42 -7.53
CA LEU B 292 1.84 -12.53 -6.79
C LEU B 292 2.23 -12.45 -5.32
N VAL B 293 2.54 -13.60 -4.72
CA VAL B 293 2.94 -13.65 -3.30
C VAL B 293 4.24 -12.86 -3.07
N LYS B 294 5.26 -13.14 -3.89
CA LYS B 294 6.51 -12.37 -3.88
C LYS B 294 6.28 -10.85 -3.98
N LEU B 295 5.60 -10.42 -5.04
CA LEU B 295 5.36 -8.99 -5.28
C LEU B 295 4.57 -8.34 -4.14
N SER B 296 3.70 -9.11 -3.51
CA SER B 296 2.91 -8.64 -2.38
C SER B 296 3.76 -8.40 -1.14
N GLN B 297 4.84 -9.16 -0.99
CA GLN B 297 5.69 -9.03 0.19
C GLN B 297 6.50 -7.74 0.17
N ARG B 298 6.46 -7.03 -0.96
CA ARG B 298 7.09 -5.73 -1.08
C ARG B 298 6.46 -4.65 -0.16
N ILE B 299 5.16 -4.40 -0.36
CA ILE B 299 4.43 -3.33 0.36
C ILE B 299 3.87 -3.81 1.72
N LEU B 300 3.61 -5.11 1.81
CA LEU B 300 3.15 -5.82 3.04
C LEU B 300 1.63 -5.86 3.26
N GLY B 301 0.84 -5.44 2.28
CA GLY B 301 -0.61 -5.63 2.34
C GLY B 301 -1.36 -4.56 3.10
N PRO B 302 -2.68 -4.73 3.25
CA PRO B 302 -3.58 -3.69 3.77
C PRO B 302 -3.74 -3.63 5.29
N CYS B 303 -4.33 -2.53 5.76
CA CYS B 303 -4.57 -2.31 7.20
C CYS B 303 -5.26 -3.51 7.84
N THR B 304 -4.64 -4.04 8.89
CA THR B 304 -5.12 -5.26 9.55
C THR B 304 -6.49 -5.10 10.25
N ILE B 305 -6.83 -3.90 10.69
CA ILE B 305 -8.16 -3.66 11.28
C ILE B 305 -9.26 -3.91 10.25
N VAL B 306 -9.01 -3.52 9.00
CA VAL B 306 -9.99 -3.72 7.94
C VAL B 306 -10.10 -5.20 7.57
N GLN B 307 -8.98 -5.93 7.60
CA GLN B 307 -8.97 -7.39 7.41
C GLN B 307 -9.74 -8.11 8.51
N GLY B 308 -9.53 -7.69 9.76
CA GLY B 308 -10.25 -8.25 10.91
C GLY B 308 -11.75 -7.99 10.88
N ALA B 309 -12.13 -6.79 10.45
CA ALA B 309 -13.55 -6.40 10.32
C ALA B 309 -14.27 -7.08 9.16
N LEU B 310 -13.53 -7.72 8.25
CA LEU B 310 -14.08 -8.16 6.97
C LEU B 310 -15.19 -9.20 7.12
N LYS B 311 -15.00 -10.14 8.07
CA LYS B 311 -16.04 -11.14 8.37
C LYS B 311 -17.40 -10.50 8.62
N SER B 312 -17.44 -9.55 9.54
CA SER B 312 -18.71 -8.94 9.93
C SER B 312 -19.21 -7.97 8.86
N ILE B 313 -18.30 -7.36 8.10
CA ILE B 313 -18.71 -6.53 6.96
C ILE B 313 -19.52 -7.37 5.96
N LEU B 314 -19.00 -8.54 5.61
CA LEU B 314 -19.67 -9.41 4.63
C LEU B 314 -20.89 -10.14 5.19
N CYS B 315 -20.84 -10.51 6.47
CA CYS B 315 -21.91 -11.31 7.10
C CYS B 315 -23.09 -10.50 7.65
N ARG B 316 -22.84 -9.27 8.09
CA ARG B 316 -23.86 -8.50 8.81
C ARG B 316 -24.42 -7.28 8.07
N THR B 317 -23.75 -6.84 7.02
CA THR B 317 -24.25 -5.72 6.23
C THR B 317 -25.58 -6.12 5.58
N PRO B 318 -26.70 -5.47 5.96
CA PRO B 318 -28.01 -5.95 5.51
C PRO B 318 -28.27 -5.73 4.02
N GLY B 319 -29.15 -6.55 3.46
CA GLY B 319 -29.55 -6.42 2.07
C GLY B 319 -30.15 -5.05 1.76
N GLU B 320 -30.80 -4.45 2.76
CA GLU B 320 -31.39 -3.13 2.64
C GLU B 320 -30.37 -2.05 2.25
N PHE B 321 -29.17 -2.14 2.82
CA PHE B 321 -28.08 -1.21 2.50
C PHE B 321 -27.75 -1.20 1.01
N TYR B 322 -27.48 -2.38 0.46
CA TYR B 322 -27.12 -2.52 -0.96
C TYR B 322 -28.31 -2.10 -1.84
N HIS B 323 -29.50 -2.46 -1.40
CA HIS B 323 -30.71 -2.15 -2.15
C HIS B 323 -30.97 -0.63 -2.13
N ASN B 324 -30.91 -0.01 -0.95
CA ASN B 324 -31.12 1.43 -0.84
C ASN B 324 -30.08 2.22 -1.64
N THR B 325 -28.84 1.74 -1.64
CA THR B 325 -27.79 2.34 -2.47
C THR B 325 -28.19 2.29 -3.94
N LEU B 326 -28.56 1.10 -4.42
CA LEU B 326 -28.85 0.91 -5.85
C LEU B 326 -30.13 1.62 -6.28
N SER B 327 -31.13 1.68 -5.40
CA SER B 327 -32.35 2.46 -5.63
C SER B 327 -32.07 3.95 -5.80
N PHE B 328 -31.18 4.48 -4.97
CA PHE B 328 -30.78 5.89 -5.08
C PHE B 328 -30.00 6.15 -6.38
N LEU B 329 -29.06 5.27 -6.73
CA LEU B 329 -28.31 5.42 -7.98
C LEU B 329 -29.23 5.44 -9.21
N LYS B 330 -30.19 4.53 -9.23
CA LYS B 330 -31.07 4.31 -10.39
C LYS B 330 -31.96 5.52 -10.66
N SER B 331 -32.59 6.01 -9.59
CA SER B 331 -33.46 7.18 -9.71
C SER B 331 -32.66 8.46 -9.93
N ASN B 332 -31.41 8.49 -9.49
CA ASN B 332 -30.53 9.62 -9.83
C ASN B 332 -30.12 9.51 -11.30
N ALA B 333 -29.92 8.28 -11.75
CA ALA B 333 -29.60 7.98 -13.15
C ALA B 333 -30.76 8.33 -14.10
N ASP B 334 -32.00 8.09 -13.65
CA ASP B 334 -33.20 8.44 -14.42
C ASP B 334 -33.33 9.97 -14.54
N LEU B 335 -33.23 10.68 -13.41
CA LEU B 335 -33.25 12.13 -13.41
C LEU B 335 -32.17 12.73 -14.33
N CYS B 336 -30.94 12.28 -14.17
CA CYS B 336 -29.81 12.79 -14.97
C CYS B 336 -29.97 12.50 -16.45
N TYR B 337 -30.16 11.22 -16.79
CA TYR B 337 -30.32 10.83 -18.19
C TYR B 337 -31.48 11.58 -18.80
N GLY B 338 -32.59 11.65 -18.05
CA GLY B 338 -33.81 12.33 -18.48
C GLY B 338 -33.62 13.81 -18.71
N ALA B 339 -33.01 14.49 -17.73
CA ALA B 339 -32.71 15.93 -17.88
C ALA B 339 -31.76 16.18 -19.03
N LEU B 340 -30.66 15.43 -19.10
CA LEU B 340 -29.68 15.65 -20.16
C LEU B 340 -30.22 15.26 -21.55
N ALA B 341 -31.04 14.21 -21.62
CA ALA B 341 -31.67 13.80 -22.89
C ALA B 341 -32.56 14.90 -23.48
N ALA B 342 -33.24 15.64 -22.63
CA ALA B 342 -34.10 16.74 -23.08
C ALA B 342 -33.33 17.92 -23.69
N ILE B 343 -32.00 17.94 -23.57
CA ILE B 343 -31.21 19.10 -23.96
C ILE B 343 -30.67 18.93 -25.38
N PRO B 344 -31.12 19.78 -26.33
CA PRO B 344 -30.57 19.72 -27.67
C PRO B 344 -29.04 19.86 -27.67
N GLY B 345 -28.37 18.91 -28.32
CA GLY B 345 -26.92 18.97 -28.46
C GLY B 345 -26.16 17.96 -27.61
N LEU B 346 -26.84 17.44 -26.57
CA LEU B 346 -26.27 16.38 -25.72
C LEU B 346 -26.89 15.03 -26.06
N ARG B 347 -26.11 13.97 -25.84
CA ARG B 347 -26.56 12.61 -26.12
C ARG B 347 -26.11 11.73 -24.96
N PRO B 348 -26.89 11.73 -23.86
CA PRO B 348 -26.53 10.85 -22.77
C PRO B 348 -26.78 9.38 -23.14
N VAL B 349 -25.88 8.51 -22.70
CA VAL B 349 -26.08 7.06 -22.81
C VAL B 349 -26.47 6.55 -21.44
N ARG B 350 -27.67 5.97 -21.35
CA ARG B 350 -28.24 5.55 -20.06
C ARG B 350 -27.34 4.53 -19.35
N PRO B 351 -27.10 4.71 -18.05
CA PRO B 351 -26.30 3.72 -17.33
C PRO B 351 -27.16 2.61 -16.76
N SER B 352 -26.56 1.44 -16.59
CA SER B 352 -27.19 0.28 -15.98
C SER B 352 -26.53 -0.12 -14.66
N GLY B 353 -25.50 0.64 -14.26
CA GLY B 353 -24.70 0.24 -13.12
C GLY B 353 -23.59 1.19 -12.79
N ALA B 354 -22.78 0.82 -11.80
CA ALA B 354 -21.69 1.68 -11.31
C ALA B 354 -22.23 3.06 -10.92
N MET B 355 -21.40 4.10 -11.05
CA MET B 355 -21.70 5.39 -10.42
C MET B 355 -21.52 6.59 -11.35
N TYR B 356 -21.68 6.36 -12.66
CA TYR B 356 -21.49 7.39 -13.65
C TYR B 356 -22.36 7.18 -14.88
N LEU B 357 -22.38 8.20 -15.72
CA LEU B 357 -22.76 8.04 -17.12
C LEU B 357 -21.90 8.97 -17.99
N MET B 358 -21.76 8.58 -19.25
CA MET B 358 -21.09 9.40 -20.26
C MET B 358 -22.16 10.15 -21.07
N VAL B 359 -21.87 11.39 -21.44
CA VAL B 359 -22.74 12.20 -22.27
C VAL B 359 -21.98 12.63 -23.52
N GLY B 360 -22.51 12.27 -24.69
CA GLY B 360 -21.95 12.70 -25.96
C GLY B 360 -22.32 14.14 -26.24
N ILE B 361 -21.38 14.90 -26.80
CA ILE B 361 -21.63 16.29 -27.18
C ILE B 361 -21.59 16.42 -28.69
N GLU B 362 -22.68 16.89 -29.27
CA GLU B 362 -22.77 17.10 -30.71
C GLU B 362 -22.06 18.41 -31.03
N MET B 363 -20.76 18.31 -31.33
CA MET B 363 -19.89 19.48 -31.42
C MET B 363 -20.24 20.44 -32.54
N GLU B 364 -20.81 19.92 -33.63
CA GLU B 364 -21.28 20.76 -34.73
C GLU B 364 -22.30 21.82 -34.26
N HIS B 365 -23.12 21.46 -33.27
CA HIS B 365 -24.11 22.39 -32.73
C HIS B 365 -23.55 23.38 -31.70
N PHE B 366 -22.28 23.24 -31.35
CA PHE B 366 -21.60 24.16 -30.46
C PHE B 366 -20.30 24.65 -31.11
N PRO B 367 -20.44 25.48 -32.17
CA PRO B 367 -19.26 25.86 -32.97
C PRO B 367 -18.15 26.55 -32.19
N GLU B 368 -18.49 27.42 -31.23
CA GLU B 368 -17.46 28.19 -30.53
C GLU B 368 -16.47 27.32 -29.75
N PHE B 369 -16.80 26.03 -29.56
CA PHE B 369 -15.93 25.09 -28.83
C PHE B 369 -15.32 24.03 -29.75
N GLU B 370 -14.05 23.69 -29.52
CA GLU B 370 -13.32 22.73 -30.36
C GLU B 370 -13.42 21.30 -29.83
N ASN B 371 -13.57 21.17 -28.52
CA ASN B 371 -13.64 19.85 -27.88
C ASN B 371 -14.29 19.90 -26.49
N ASP B 372 -14.39 18.74 -25.84
CA ASP B 372 -15.01 18.62 -24.52
C ASP B 372 -14.31 19.44 -23.43
N VAL B 373 -12.99 19.63 -23.54
CA VAL B 373 -12.23 20.43 -22.57
C VAL B 373 -12.64 21.91 -22.58
N GLU B 374 -12.78 22.49 -23.77
CA GLU B 374 -13.28 23.87 -23.89
C GLU B 374 -14.72 23.97 -23.37
N PHE B 375 -15.56 23.05 -23.79
CA PHE B 375 -16.96 22.99 -23.36
C PHE B 375 -17.06 23.02 -21.83
N THR B 376 -16.37 22.10 -21.16
CA THR B 376 -16.45 21.98 -19.70
C THR B 376 -15.84 23.19 -18.99
N GLU B 377 -14.83 23.81 -19.59
CA GLU B 377 -14.22 25.02 -19.03
C GLU B 377 -15.17 26.21 -19.08
N ARG B 378 -15.84 26.37 -20.20
CA ARG B 378 -16.84 27.42 -20.37
C ARG B 378 -18.03 27.23 -19.42
N LEU B 379 -18.46 25.97 -19.26
CA LEU B 379 -19.55 25.63 -18.36
C LEU B 379 -19.24 26.04 -16.91
N VAL B 380 -17.99 25.84 -16.51
CA VAL B 380 -17.55 26.30 -15.19
C VAL B 380 -17.56 27.82 -15.13
N ALA B 381 -16.99 28.46 -16.15
CA ALA B 381 -16.88 29.92 -16.19
C ALA B 381 -18.24 30.62 -16.13
N GLU B 382 -19.24 30.03 -16.78
CA GLU B 382 -20.56 30.64 -16.90
C GLU B 382 -21.56 30.12 -15.86
N GLN B 383 -21.54 28.82 -15.57
CA GLN B 383 -22.56 28.16 -14.75
C GLN B 383 -22.06 27.55 -13.44
N SER B 384 -20.74 27.56 -13.23
CA SER B 384 -20.13 26.91 -12.06
C SER B 384 -20.63 25.47 -11.85
N VAL B 385 -20.66 24.71 -12.94
CA VAL B 385 -20.88 23.27 -12.89
C VAL B 385 -19.66 22.58 -13.50
N HIS B 386 -18.98 21.75 -12.71
CA HIS B 386 -17.83 20.99 -13.20
C HIS B 386 -18.21 19.57 -13.63
N CYS B 387 -18.09 19.31 -14.92
CA CYS B 387 -18.20 17.96 -15.47
C CYS B 387 -16.79 17.58 -15.92
N LEU B 388 -16.50 16.29 -15.98
CA LEU B 388 -15.17 15.84 -16.35
C LEU B 388 -15.11 15.59 -17.86
N PRO B 389 -14.20 16.29 -18.56
CA PRO B 389 -14.07 16.01 -19.98
C PRO B 389 -13.52 14.62 -20.23
N ALA B 390 -14.18 13.84 -21.10
CA ALA B 390 -13.82 12.44 -21.32
C ALA B 390 -12.51 12.24 -22.11
N THR B 391 -11.90 13.35 -22.53
CA THR B 391 -10.50 13.36 -22.97
C THR B 391 -9.56 12.81 -21.89
N CYS B 392 -9.98 12.91 -20.62
CA CYS B 392 -9.28 12.29 -19.48
C CYS B 392 -9.28 10.75 -19.52
N PHE B 393 -10.27 10.17 -20.20
CA PHE B 393 -10.37 8.73 -20.38
C PHE B 393 -10.05 8.32 -21.83
N GLU B 394 -9.39 9.23 -22.57
CA GLU B 394 -8.99 9.00 -23.96
C GLU B 394 -10.18 8.94 -24.93
N TYR B 395 -11.23 9.74 -24.67
CA TYR B 395 -12.43 9.72 -25.49
C TYR B 395 -13.04 11.13 -25.68
N PRO B 396 -12.51 11.90 -26.64
CA PRO B 396 -12.95 13.29 -26.88
C PRO B 396 -14.43 13.49 -27.21
N ASN B 397 -14.92 14.71 -26.96
CA ASN B 397 -16.29 15.15 -27.26
C ASN B 397 -17.37 14.44 -26.47
N PHE B 398 -16.97 13.88 -25.33
CA PHE B 398 -17.89 13.33 -24.34
C PHE B 398 -17.51 13.95 -23.00
N ILE B 399 -18.43 13.85 -22.04
CA ILE B 399 -18.13 14.16 -20.65
C ILE B 399 -18.69 13.05 -19.74
N ARG B 400 -18.09 12.89 -18.56
CA ARG B 400 -18.59 11.97 -17.54
C ARG B 400 -19.24 12.78 -16.42
N VAL B 401 -20.36 12.27 -15.94
CA VAL B 401 -21.06 12.85 -14.80
C VAL B 401 -21.25 11.74 -13.77
N VAL B 402 -21.03 12.07 -12.50
CA VAL B 402 -21.27 11.13 -11.42
C VAL B 402 -22.73 11.20 -11.07
N ILE B 403 -23.30 10.06 -10.69
CA ILE B 403 -24.71 10.02 -10.32
C ILE B 403 -24.87 9.77 -8.81
N THR B 404 -23.88 10.21 -8.04
CA THR B 404 -23.87 9.98 -6.60
C THR B 404 -24.13 11.25 -5.81
N VAL B 405 -24.27 12.38 -6.51
CA VAL B 405 -24.59 13.66 -5.87
C VAL B 405 -26.03 13.61 -5.40
N PRO B 406 -26.37 14.33 -4.31
CA PRO B 406 -27.78 14.45 -3.89
C PRO B 406 -28.66 14.87 -5.06
N GLU B 407 -29.88 14.35 -5.12
CA GLU B 407 -30.73 14.55 -6.29
C GLU B 407 -31.09 16.01 -6.56
N VAL B 408 -31.22 16.82 -5.51
CA VAL B 408 -31.53 18.25 -5.66
C VAL B 408 -30.36 18.99 -6.30
N MET B 409 -29.14 18.53 -6.03
CA MET B 409 -27.91 19.03 -6.69
C MET B 409 -27.81 18.54 -8.15
N MET B 410 -28.26 17.32 -8.42
CA MET B 410 -28.31 16.85 -9.80
C MET B 410 -29.31 17.69 -10.60
N LEU B 411 -30.45 17.99 -9.99
CA LEU B 411 -31.52 18.72 -10.65
C LEU B 411 -31.04 20.11 -11.06
N GLU B 412 -30.57 20.87 -10.06
CA GLU B 412 -29.97 22.18 -10.28
C GLU B 412 -28.86 22.15 -11.34
N ALA B 413 -27.97 21.16 -11.27
CA ALA B 413 -26.84 21.05 -12.21
C ALA B 413 -27.32 20.90 -13.66
N CYS B 414 -28.23 19.97 -13.88
CA CYS B 414 -28.75 19.69 -15.23
C CYS B 414 -29.49 20.88 -15.78
N SER B 415 -30.21 21.58 -14.91
CA SER B 415 -30.91 22.80 -15.28
C SER B 415 -29.91 23.84 -15.77
N ARG B 416 -28.87 24.09 -15.00
CA ARG B 416 -27.78 24.99 -15.40
C ARG B 416 -27.18 24.58 -16.72
N ILE B 417 -26.96 23.27 -16.90
CA ILE B 417 -26.38 22.75 -18.15
C ILE B 417 -27.32 22.99 -19.34
N GLN B 418 -28.64 22.87 -19.13
CA GLN B 418 -29.64 23.18 -20.19
C GLN B 418 -29.55 24.65 -20.62
N GLU B 419 -29.42 25.54 -19.66
CA GLU B 419 -29.31 26.98 -19.95
C GLU B 419 -28.02 27.30 -20.72
N PHE B 420 -26.89 26.76 -20.26
CA PHE B 420 -25.62 26.88 -20.96
C PHE B 420 -25.74 26.43 -22.43
N CYS B 421 -26.24 25.22 -22.64
CA CYS B 421 -26.38 24.66 -23.98
C CYS B 421 -27.36 25.46 -24.82
N GLU B 422 -28.47 25.90 -24.22
CA GLU B 422 -29.44 26.73 -24.92
C GLU B 422 -28.78 28.02 -25.38
N GLN B 423 -27.93 28.59 -24.53
CA GLN B 423 -27.27 29.86 -24.79
C GLN B 423 -26.10 29.75 -25.79
N HIS B 424 -25.63 28.55 -26.08
CA HIS B 424 -24.52 28.35 -27.01
C HIS B 424 -24.87 27.46 -28.22
N TYR B 425 -26.09 26.91 -28.24
CA TYR B 425 -26.50 25.98 -29.29
C TYR B 425 -26.71 26.72 -30.61
N HIS B 426 -26.22 26.15 -31.70
CA HIS B 426 -26.48 26.66 -33.03
C HIS B 426 -26.96 25.50 -33.92
N CYS B 427 -27.96 25.78 -34.76
CA CYS B 427 -28.53 24.78 -35.67
C CYS B 427 -27.62 24.53 -36.85
N1 PLP C . 12.50 -0.47 9.21
C2 PLP C . 12.88 -1.19 10.32
C2A PLP C . 14.28 -1.04 10.86
C3 PLP C . 11.99 -2.04 10.95
O3 PLP C . 12.41 -2.83 11.99
C4 PLP C . 10.70 -2.18 10.45
C4A PLP C . 9.69 -2.99 11.20
C5 PLP C . 10.31 -1.45 9.33
C6 PLP C . 11.22 -0.60 8.70
C5A PLP C . 8.98 -1.74 8.67
O4P PLP C . 7.97 -0.98 9.30
P PLP C . 6.45 -1.07 8.81
O1P PLP C . 5.71 0.18 9.22
O2P PLP C . 5.79 -2.28 9.44
O3P PLP C . 6.44 -1.21 7.31
N1 PLP D . -11.24 0.47 -10.82
C2 PLP D . -12.32 1.31 -11.02
C2A PLP D . -13.15 1.18 -12.26
C3 PLP D . -12.64 2.26 -10.06
O3 PLP D . -13.65 3.16 -10.30
C4 PLP D . -11.87 2.37 -8.91
C4A PLP D . -12.30 3.31 -7.81
C5 PLP D . -10.79 1.54 -8.72
C6 PLP D . -10.48 0.58 -9.68
C5A PLP D . -9.85 1.76 -7.55
O4P PLP D . -10.51 1.47 -6.35
P PLP D . -9.76 1.61 -4.94
O1P PLP D . -10.16 0.48 -4.02
O2P PLP D . -10.11 2.94 -4.30
O3P PLP D . -8.26 1.55 -5.18
#